data_5YNH
#
_entry.id   5YNH
#
_cell.length_a   89.206
_cell.length_b   89.206
_cell.length_c   298.980
_cell.angle_alpha   90.00
_cell.angle_beta   90.00
_cell.angle_gamma   90.00
#
_symmetry.space_group_name_H-M   'P 43 21 2'
#
loop_
_entity.id
_entity.type
_entity.pdbx_description
1 polymer 'PulA protein'
2 branched Cyclooctakis-(1-4)-(alpha-D-glucopyranose)
3 non-polymer 'CALCIUM ION'
4 non-polymer GLYCEROL
5 water water
#
_entity_poly.entity_id   1
_entity_poly.type   'polypeptide(L)'
_entity_poly.pdbx_seq_one_letter_code
;MLRYTCHALFLGSLVLLSGCDNSSSSSTSGSPGSPGNPGNPGTPGTPDPQDVVVRLPDVAVPGEAVQASARQAVIHLVDI
AGITSSTPADYATKNLYLWNNETCDALSAPVADWNDVSTTPTGSDKYGPYWVIPLTKESGCINVIVRDGTNKLIDSDLRV
SFSDFTDRTVSVIAGNSAVYDSRADAFRAAFGVALADAHWVDKTTLLWPGGENKPIVRLYYSHSSKVAADSNGEFSDKYV
KLTPTTVNQQVSMRFPHLASYPAFKLPDDVNVDELLQGETVAIAAESDGILSSATQVQTAGVLDDTYAAAAEALSYGAQL
TDSGVTFRVWAPTAQQVELVIYSADKKVIASHPMTRDSASGAWSWQGGSDLKGAFYRYAMTVYHPQSRKVEQYEVTDPYA
HSLSTNSEYSQVVDLNDSALKPEGWDGLTMPHAQKTKADLAKMTIHESHIRDLSAWDQTVPAELRGKYLALTAQESNMVQ
HLKQLSASGVTHIELLPVFDLATVNEFSDKVADIQQPFSRLCEVNSAVKSSEFAGYCDSGSTVEEVLTQLKQNDSKDNPQ
VQALNTLVAQTDSYNWGYDPFHYTVPEGSYATDPEGTARIKEFRTMIQAIKQDLGMNVIMDVVYNHTNAAGPTDRTSVLD
KIVPWYYQRLNETTGSVESATCCSDSAPEHRMFAKLIADSLAVWTTDYKIDGFRFDLMLYHPKAQILSAWERIKALNPDI
YFFGEGWDSNQSDRFEIASQINLKGTGIGTFSDRLRDAVRGGGPFDSGDALRQNQGVGSGAGVLPNELTTLSDDQARHLA
DLTRLGMAGNLADFVLIDKDGAVKRGSEIDYNGAPGGYAADPTEVVNYVSKHDNQTLWDMISYKAAQEADLDTRVRMQAV
SLATVMLGQGIAFDQQGSELLRSKSFTRDSYDSGDWFNRVDYSLQDNNYNVGMPRSSDDGSNYDIIARVKDAVATPGETE
LKQMTAFYQELTALRKSSPLFTLGDGATVMKRVDFRNTGADQQTGLLVMTIDDGMQAGASLDSRVDGIVVAINAAPESRT
LQDFAGTSLQLSAIQQAAGDRSLASGVQVAADGSVTLPAWSVAVLELPQGESQGAGLPVSSK
;
_entity_poly.pdbx_strand_id   A
#
# COMPACT_ATOMS: atom_id res chain seq x y z
N ASP A 48 -22.97 15.60 43.59
CA ASP A 48 -22.75 14.56 44.60
C ASP A 48 -21.58 14.92 45.50
N PRO A 49 -21.86 15.21 46.80
CA PRO A 49 -20.82 15.74 47.70
C PRO A 49 -20.04 14.66 48.45
N GLN A 50 -20.66 13.49 48.62
CA GLN A 50 -19.92 12.40 49.26
C GLN A 50 -18.76 11.90 48.41
N ASP A 51 -18.79 12.12 47.11
CA ASP A 51 -17.69 11.75 46.23
C ASP A 51 -16.38 12.37 46.71
N VAL A 52 -15.35 11.54 46.87
CA VAL A 52 -14.01 12.07 47.11
C VAL A 52 -13.60 12.90 45.91
N VAL A 53 -12.91 14.01 46.16
CA VAL A 53 -12.47 14.90 45.09
C VAL A 53 -11.07 14.47 44.66
N VAL A 54 -10.95 14.08 43.38
CA VAL A 54 -9.65 13.72 42.82
C VAL A 54 -8.75 14.94 42.75
N ARG A 55 -7.49 14.77 43.17
CA ARG A 55 -6.58 15.90 43.31
C ARG A 55 -5.15 15.46 43.02
N LEU A 56 -4.33 16.42 42.64
CA LEU A 56 -2.90 16.21 42.55
C LEU A 56 -2.33 15.91 43.94
N PRO A 57 -1.14 15.31 43.99
CA PRO A 57 -0.41 15.26 45.26
C PRO A 57 -0.36 16.64 45.90
N ASP A 58 -0.50 16.67 47.22
CA ASP A 58 -0.42 17.91 47.99
C ASP A 58 1.04 18.32 48.20
N VAL A 59 1.76 18.43 47.07
CA VAL A 59 3.15 18.86 47.07
C VAL A 59 3.38 19.73 45.84
N ALA A 60 4.34 20.64 45.93
CA ALA A 60 4.63 21.54 44.83
C ALA A 60 5.17 20.78 43.63
N VAL A 61 5.06 21.42 42.46
CA VAL A 61 5.77 20.95 41.27
C VAL A 61 7.25 21.26 41.43
N PRO A 62 8.15 20.31 41.19
CA PRO A 62 9.55 20.49 41.60
C PRO A 62 10.39 21.28 40.61
N GLY A 63 11.25 22.13 41.16
CA GLY A 63 12.35 22.70 40.41
C GLY A 63 13.50 21.73 40.31
N GLU A 64 14.61 22.23 39.80
CA GLU A 64 15.83 21.44 39.67
C GLU A 64 16.60 21.39 40.99
N ALA A 65 17.22 20.23 41.27
CA ALA A 65 18.08 20.10 42.44
C ALA A 65 19.39 20.85 42.24
N VAL A 66 20.18 20.44 41.24
CA VAL A 66 21.37 21.18 40.85
C VAL A 66 21.36 21.35 39.33
N GLN A 67 22.28 22.18 38.84
CA GLN A 67 22.49 22.39 37.41
C GLN A 67 23.95 22.07 37.09
N ALA A 68 24.15 21.23 36.07
CA ALA A 68 25.50 20.81 35.72
C ALA A 68 26.38 22.01 35.40
N SER A 69 27.65 21.92 35.79
CA SER A 69 28.67 22.89 35.42
C SER A 69 29.45 22.36 34.24
N ALA A 70 30.54 23.05 33.91
CA ALA A 70 31.42 22.61 32.84
C ALA A 70 31.92 21.20 33.13
N ARG A 71 32.00 20.38 32.07
CA ARG A 71 32.47 19.00 32.16
C ARG A 71 31.66 18.19 33.18
N GLN A 72 30.35 18.46 33.23
CA GLN A 72 29.45 17.75 34.13
C GLN A 72 28.14 17.51 33.41
N ALA A 73 27.46 16.43 33.81
CA ALA A 73 26.05 16.22 33.55
C ALA A 73 25.38 15.88 34.87
N VAL A 74 24.06 16.08 34.95
CA VAL A 74 23.30 15.87 36.17
C VAL A 74 22.06 15.06 35.84
N ILE A 75 21.85 13.96 36.57
CA ILE A 75 20.67 13.13 36.42
C ILE A 75 19.87 13.16 37.72
N HIS A 76 18.63 13.64 37.63
CA HIS A 76 17.67 13.53 38.71
C HIS A 76 16.85 12.26 38.55
N LEU A 77 16.65 11.54 39.63
CA LEU A 77 15.65 10.49 39.69
C LEU A 77 14.48 11.03 40.49
N VAL A 78 13.34 11.18 39.83
CA VAL A 78 12.17 11.77 40.47
C VAL A 78 11.40 10.65 41.14
N ASP A 79 11.47 10.60 42.45
CA ASP A 79 10.91 9.49 43.23
C ASP A 79 9.42 9.73 43.44
N ILE A 80 8.62 9.28 42.46
CA ILE A 80 7.17 9.44 42.53
C ILE A 80 6.62 8.86 43.83
N ALA A 81 7.07 7.66 44.20
CA ALA A 81 6.56 7.01 45.41
C ALA A 81 6.88 7.82 46.66
N GLY A 82 8.13 8.25 46.80
CA GLY A 82 8.51 9.06 47.94
C GLY A 82 8.01 10.48 47.89
N ILE A 83 7.46 10.90 46.75
CA ILE A 83 6.75 12.18 46.69
C ILE A 83 5.40 12.04 47.37
N THR A 84 4.75 10.89 47.22
CA THR A 84 3.62 10.55 48.08
C THR A 84 4.05 10.45 49.54
N SER A 85 5.37 10.25 49.78
CA SER A 85 6.07 10.52 51.04
C SER A 85 5.93 9.43 52.09
N SER A 86 5.14 9.70 53.13
CA SER A 86 5.11 8.91 54.36
C SER A 86 6.51 8.84 54.96
N THR A 87 7.18 7.71 54.74
CA THR A 87 8.50 7.48 55.31
C THR A 87 9.54 8.30 54.57
N PRO A 88 10.41 9.04 55.28
CA PRO A 88 11.57 9.66 54.63
C PRO A 88 12.39 8.63 53.85
N ALA A 89 12.64 8.94 52.59
CA ALA A 89 13.20 7.96 51.65
C ALA A 89 14.70 7.78 51.86
N ASP A 90 15.16 6.55 51.70
CA ASP A 90 16.57 6.19 51.79
C ASP A 90 17.06 5.84 50.39
N TYR A 91 18.03 6.61 49.89
CA TYR A 91 18.54 6.48 48.53
C TYR A 91 19.96 5.89 48.49
N ALA A 92 20.43 5.33 49.60
CA ALA A 92 21.79 4.80 49.65
C ALA A 92 22.02 3.71 48.60
N THR A 93 21.01 2.90 48.31
CA THR A 93 21.16 1.80 47.37
C THR A 93 20.91 2.21 45.93
N LYS A 94 20.41 3.41 45.68
CA LYS A 94 20.32 3.92 44.31
C LYS A 94 21.72 4.12 43.75
N ASN A 95 21.92 3.72 42.49
CA ASN A 95 23.22 3.90 41.86
C ASN A 95 23.05 3.90 40.35
N LEU A 96 24.06 4.44 39.68
CA LEU A 96 24.12 4.47 38.23
C LEU A 96 25.19 3.53 37.74
N TYR A 97 24.89 2.80 36.68
CA TYR A 97 25.91 2.07 35.93
C TYR A 97 26.27 2.94 34.73
N LEU A 98 27.56 3.30 34.63
CA LEU A 98 28.02 4.27 33.65
C LEU A 98 29.15 3.65 32.85
N TRP A 99 29.07 3.76 31.53
CA TRP A 99 30.09 3.16 30.66
C TRP A 99 30.10 3.89 29.33
N ASN A 100 31.29 3.95 28.73
CA ASN A 100 31.46 4.48 27.37
C ASN A 100 31.51 3.33 26.36
N ASN A 101 30.72 3.44 25.31
CA ASN A 101 30.90 2.56 24.15
C ASN A 101 31.26 3.41 22.93
N GLU A 102 30.85 2.96 21.74
CA GLU A 102 31.22 3.67 20.53
C GLU A 102 30.26 4.80 20.19
N THR A 103 28.97 4.63 20.49
CA THR A 103 28.01 5.69 20.17
C THR A 103 27.96 6.81 21.22
N CYS A 104 28.18 6.48 22.49
CA CYS A 104 28.27 7.50 23.56
C CYS A 104 29.55 7.27 24.36
N ASP A 105 30.41 8.29 24.42
CA ASP A 105 31.74 8.14 25.02
C ASP A 105 32.19 9.37 25.82
N ALA A 106 31.26 10.21 26.31
CA ALA A 106 31.65 11.46 26.98
C ALA A 106 32.07 11.27 28.44
N LEU A 107 31.79 10.11 29.04
CA LEU A 107 32.06 9.92 30.46
C LEU A 107 33.55 10.01 30.76
N SER A 108 33.86 10.55 31.94
CA SER A 108 35.25 10.78 32.31
C SER A 108 35.87 9.54 32.95
N ALA A 109 35.34 9.10 34.07
CA ALA A 109 35.89 7.94 34.78
C ALA A 109 34.83 6.85 34.98
N PRO A 110 34.26 6.32 33.89
CA PRO A 110 33.20 5.33 34.05
C PRO A 110 33.77 4.02 34.57
N VAL A 111 33.05 3.39 35.49
CA VAL A 111 33.47 2.12 36.06
C VAL A 111 32.75 1.01 35.32
N ALA A 112 33.51 0.23 34.55
CA ALA A 112 32.91 -0.82 33.73
C ALA A 112 32.40 -2.00 34.55
N ASP A 113 32.72 -2.07 35.84
CA ASP A 113 32.33 -3.20 36.66
C ASP A 113 30.83 -3.16 36.93
N TRP A 114 30.09 -4.11 36.33
CA TRP A 114 28.65 -4.18 36.53
C TRP A 114 28.29 -4.38 38.00
N ASN A 115 29.13 -5.10 38.74
CA ASN A 115 28.83 -5.41 40.15
C ASN A 115 29.18 -4.27 41.09
N ASP A 116 29.75 -3.18 40.58
CA ASP A 116 30.07 -2.03 41.41
C ASP A 116 28.81 -1.19 41.56
N VAL A 117 28.34 -1.05 42.80
CA VAL A 117 27.16 -0.22 43.10
C VAL A 117 27.54 1.03 43.88
N SER A 118 28.78 1.49 43.77
CA SER A 118 29.27 2.59 44.59
C SER A 118 29.02 3.98 43.96
N THR A 119 28.36 4.06 42.81
CA THR A 119 28.03 5.36 42.21
C THR A 119 26.68 5.82 42.74
N THR A 120 26.71 6.17 43.99
CA THR A 120 25.55 6.53 44.78
C THR A 120 25.27 8.02 44.63
N PRO A 121 24.07 8.47 45.03
CA PRO A 121 23.67 9.85 44.76
C PRO A 121 24.65 10.89 45.28
N THR A 122 24.88 11.93 44.48
CA THR A 122 25.59 13.11 44.95
C THR A 122 24.80 13.84 46.03
N GLY A 123 23.48 13.78 45.97
CA GLY A 123 22.63 14.45 46.94
C GLY A 123 21.20 14.06 46.70
N SER A 124 20.30 14.65 47.47
CA SER A 124 18.89 14.33 47.35
C SER A 124 18.08 15.39 48.08
N ASP A 125 16.81 15.49 47.72
CA ASP A 125 15.84 16.28 48.49
C ASP A 125 14.52 15.50 48.51
N LYS A 126 13.44 16.16 48.90
CA LYS A 126 12.17 15.45 49.03
C LYS A 126 11.65 14.89 47.71
N TYR A 127 12.22 15.29 46.58
CA TYR A 127 11.76 14.84 45.29
C TYR A 127 12.58 13.68 44.72
N GLY A 128 13.66 13.29 45.39
CA GLY A 128 14.47 12.19 44.93
C GLY A 128 15.94 12.56 44.90
N PRO A 129 16.78 11.60 44.52
CA PRO A 129 18.23 11.83 44.48
C PRO A 129 18.66 12.42 43.15
N TYR A 130 19.92 12.84 43.12
CA TYR A 130 20.54 13.32 41.88
C TYR A 130 21.99 12.90 41.85
N TRP A 131 22.56 12.84 40.65
CA TRP A 131 23.94 12.44 40.43
C TRP A 131 24.67 13.50 39.62
N VAL A 132 25.87 13.88 40.07
CA VAL A 132 26.77 14.75 39.33
C VAL A 132 27.83 13.86 38.70
N ILE A 133 27.94 13.92 37.38
CA ILE A 133 28.73 12.96 36.62
C ILE A 133 29.84 13.70 35.87
N PRO A 134 31.11 13.41 36.12
CA PRO A 134 32.17 14.11 35.39
C PRO A 134 32.17 13.69 33.93
N LEU A 135 32.63 14.62 33.08
CA LEU A 135 32.66 14.44 31.64
C LEU A 135 34.02 14.87 31.11
N THR A 136 34.36 14.37 29.92
CA THR A 136 35.53 14.80 29.17
C THR A 136 35.20 15.85 28.11
N LYS A 137 33.92 16.12 27.91
CA LYS A 137 33.42 16.88 26.76
C LYS A 137 31.96 17.20 27.05
N GLU A 138 31.47 18.30 26.50
CA GLU A 138 30.09 18.71 26.72
C GLU A 138 29.19 18.48 25.50
N SER A 139 29.72 17.81 24.47
CA SER A 139 28.95 17.38 23.31
C SER A 139 28.84 15.85 23.29
N GLY A 140 27.86 15.36 22.54
CA GLY A 140 27.70 13.93 22.37
C GLY A 140 26.67 13.36 23.34
N CYS A 141 27.02 12.25 23.99
CA CYS A 141 26.07 11.59 24.88
C CYS A 141 26.81 10.69 25.86
N ILE A 142 26.06 10.21 26.84
CA ILE A 142 26.55 9.24 27.81
C ILE A 142 25.53 8.11 27.94
N ASN A 143 26.03 6.93 28.30
CA ASN A 143 25.21 5.76 28.55
C ASN A 143 25.00 5.60 30.05
N VAL A 144 23.76 5.35 30.45
CA VAL A 144 23.44 5.17 31.86
C VAL A 144 22.36 4.12 32.00
N ILE A 145 22.51 3.24 32.98
CA ILE A 145 21.44 2.42 33.51
C ILE A 145 21.19 2.86 34.95
N VAL A 146 19.94 3.13 35.30
CA VAL A 146 19.58 3.53 36.65
C VAL A 146 19.15 2.30 37.46
N ARG A 147 19.77 2.11 38.62
CA ARG A 147 19.65 0.88 39.38
C ARG A 147 19.34 1.14 40.85
N ASP A 148 18.81 0.10 41.48
CA ASP A 148 18.82 -0.06 42.94
C ASP A 148 19.59 -1.34 43.21
N GLY A 149 20.77 -1.22 43.81
CA GLY A 149 21.66 -2.36 43.81
C GLY A 149 22.03 -2.70 42.37
N THR A 150 21.96 -3.99 42.03
CA THR A 150 22.20 -4.43 40.65
C THR A 150 20.92 -4.58 39.84
N ASN A 151 19.76 -4.28 40.42
CA ASN A 151 18.50 -4.34 39.69
C ASN A 151 18.22 -3.03 38.98
N LYS A 152 17.76 -3.14 37.72
CA LYS A 152 17.42 -1.96 36.93
C LYS A 152 16.08 -1.38 37.38
N LEU A 153 16.07 -0.09 37.70
CA LEU A 153 14.81 0.61 37.91
C LEU A 153 14.20 1.08 36.60
N ILE A 154 15.01 1.14 35.55
CA ILE A 154 14.56 1.45 34.20
C ILE A 154 15.21 0.39 33.32
N ASP A 155 14.43 -0.58 32.85
CA ASP A 155 14.97 -1.74 32.11
C ASP A 155 15.24 -1.32 30.66
N SER A 156 16.29 -0.51 30.51
CA SER A 156 16.56 0.14 29.24
C SER A 156 17.88 0.90 29.32
N ASP A 157 18.82 0.60 28.44
CA ASP A 157 20.00 1.45 28.31
C ASP A 157 19.56 2.85 27.90
N LEU A 158 19.92 3.84 28.71
CA LEU A 158 19.53 5.21 28.44
C LEU A 158 20.66 5.94 27.73
N ARG A 159 20.31 6.76 26.76
CA ARG A 159 21.27 7.67 26.15
C ARG A 159 20.85 9.10 26.49
N VAL A 160 21.77 9.87 27.07
CA VAL A 160 21.52 11.27 27.39
C VAL A 160 22.26 12.10 26.34
N SER A 161 21.50 12.64 25.39
CA SER A 161 22.05 13.40 24.27
C SER A 161 22.24 14.85 24.70
N PHE A 162 23.49 15.27 24.84
CA PHE A 162 23.78 16.67 25.12
C PHE A 162 23.25 17.56 24.01
N SER A 163 23.25 17.06 22.78
CA SER A 163 22.75 17.81 21.65
C SER A 163 21.29 18.21 21.83
N ASP A 164 20.49 17.35 22.48
CA ASP A 164 19.07 17.65 22.68
C ASP A 164 18.77 18.16 24.08
N PHE A 165 19.65 17.87 25.04
CA PHE A 165 19.53 18.41 26.39
C PHE A 165 20.79 19.26 26.61
N THR A 166 20.66 20.56 26.33
CA THR A 166 21.83 21.41 26.25
C THR A 166 22.37 21.79 27.62
N ASP A 167 21.52 21.89 28.64
CA ASP A 167 22.02 22.11 29.99
C ASP A 167 22.48 20.81 30.67
N ARG A 168 22.46 19.69 29.94
CA ARG A 168 22.99 18.41 30.40
C ARG A 168 22.49 18.04 31.79
N THR A 169 21.24 18.41 32.07
CA THR A 169 20.62 18.26 33.38
C THR A 169 19.23 17.66 33.16
N VAL A 170 19.12 16.35 33.34
CA VAL A 170 17.93 15.63 32.92
C VAL A 170 17.33 14.92 34.11
N SER A 171 16.07 14.51 33.95
CA SER A 171 15.35 13.77 34.97
C SER A 171 14.79 12.48 34.38
N VAL A 172 14.66 11.47 35.23
CA VAL A 172 14.03 10.21 34.85
C VAL A 172 13.17 9.72 35.99
N ILE A 173 12.27 8.80 35.66
CA ILE A 173 11.38 8.16 36.61
C ILE A 173 11.52 6.66 36.46
N ALA A 174 11.46 5.95 37.59
CA ALA A 174 11.54 4.50 37.56
C ALA A 174 10.45 3.94 36.65
N GLY A 175 10.81 2.88 35.90
CA GLY A 175 9.89 2.24 34.99
C GLY A 175 9.51 3.04 33.77
N ASN A 176 10.34 4.00 33.38
CA ASN A 176 10.04 4.84 32.22
C ASN A 176 11.35 5.17 31.52
N SER A 177 11.44 4.85 30.23
CA SER A 177 12.69 5.05 29.49
C SER A 177 12.86 6.47 28.95
N ALA A 178 11.89 7.35 29.18
CA ALA A 178 11.95 8.71 28.68
C ALA A 178 12.90 9.57 29.49
N VAL A 179 13.66 10.41 28.80
CA VAL A 179 14.57 11.36 29.45
C VAL A 179 13.95 12.76 29.39
N TYR A 180 13.70 13.35 30.56
CA TYR A 180 13.03 14.65 30.64
C TYR A 180 14.03 15.77 30.92
N ASP A 181 13.75 16.95 30.36
CA ASP A 181 14.65 18.10 30.50
C ASP A 181 14.67 18.64 31.92
N SER A 182 13.66 18.32 32.73
CA SER A 182 13.53 18.93 34.06
C SER A 182 12.62 18.06 34.90
N ARG A 183 12.79 18.19 36.22
CA ARG A 183 11.96 17.42 37.14
C ARG A 183 10.49 17.80 37.02
N ALA A 184 10.20 19.07 36.75
CA ALA A 184 8.81 19.48 36.54
C ALA A 184 8.19 18.70 35.39
N ASP A 185 8.90 18.61 34.26
CA ASP A 185 8.41 17.82 33.13
C ASP A 185 8.14 16.38 33.53
N ALA A 186 9.14 15.71 34.13
CA ALA A 186 8.94 14.36 34.62
C ALA A 186 7.80 14.29 35.63
N PHE A 187 7.70 15.29 36.50
CA PHE A 187 6.64 15.31 37.50
C PHE A 187 5.26 15.38 36.85
N ARG A 188 5.11 16.28 35.87
CA ARG A 188 3.84 16.38 35.16
C ARG A 188 3.59 15.14 34.32
N ALA A 189 4.66 14.51 33.81
CA ALA A 189 4.49 13.22 33.15
C ALA A 189 3.82 12.21 34.08
N ALA A 190 4.26 12.15 35.33
CA ALA A 190 3.73 11.13 36.22
C ALA A 190 2.33 11.48 36.71
N PHE A 191 2.06 12.76 36.97
CA PHE A 191 0.80 13.17 37.59
C PHE A 191 -0.06 13.99 36.65
N GLY A 192 0.13 13.86 35.34
CA GLY A 192 -0.68 14.59 34.37
C GLY A 192 -1.27 13.64 33.34
N VAL A 193 -2.03 14.22 32.41
CA VAL A 193 -2.59 13.42 31.34
C VAL A 193 -1.46 12.91 30.46
N ALA A 194 -1.55 11.64 30.06
CA ALA A 194 -0.54 11.05 29.19
C ALA A 194 -1.16 9.87 28.47
N LEU A 195 -0.72 9.68 27.22
CA LEU A 195 -1.18 8.58 26.39
C LEU A 195 -2.67 8.63 26.09
N ALA A 196 -3.21 7.53 25.56
CA ALA A 196 -4.61 7.43 25.19
C ALA A 196 -5.06 5.99 25.22
N ASP A 197 -4.86 5.30 26.35
CA ASP A 197 -5.12 3.88 26.40
C ASP A 197 -6.52 3.54 26.94
N ALA A 198 -7.38 4.54 27.15
CA ALA A 198 -8.76 4.27 27.49
C ALA A 198 -9.59 4.20 26.23
N HIS A 199 -10.50 3.23 26.17
CA HIS A 199 -11.27 2.95 24.95
C HIS A 199 -12.75 2.91 25.30
N TRP A 200 -13.44 4.01 25.03
CA TRP A 200 -14.89 4.05 25.14
C TRP A 200 -15.46 3.35 23.91
N VAL A 201 -15.86 2.08 24.09
CA VAL A 201 -16.16 1.20 22.97
C VAL A 201 -17.65 1.01 22.72
N ASP A 202 -18.50 1.18 23.73
CA ASP A 202 -19.91 1.39 23.43
C ASP A 202 -20.50 2.31 24.51
N LYS A 203 -21.81 2.52 24.44
CA LYS A 203 -22.47 3.50 25.31
C LYS A 203 -21.99 3.37 26.75
N THR A 204 -22.02 2.15 27.32
CA THR A 204 -21.80 1.96 28.74
C THR A 204 -20.49 1.27 29.11
N THR A 205 -19.60 0.98 28.15
CA THR A 205 -18.37 0.23 28.44
C THR A 205 -17.13 1.05 28.12
N LEU A 206 -16.30 1.29 29.12
CA LEU A 206 -14.97 1.85 28.96
C LEU A 206 -13.94 0.77 29.27
N LEU A 207 -12.97 0.57 28.36
CA LEU A 207 -11.86 -0.34 28.57
C LEU A 207 -10.61 0.47 28.86
N TRP A 208 -9.98 0.21 29.98
CA TRP A 208 -8.83 1.00 30.38
C TRP A 208 -7.96 0.18 31.33
N PRO A 209 -6.65 0.08 31.07
CA PRO A 209 -5.74 -0.52 32.04
C PRO A 209 -5.59 0.28 33.32
N GLY A 210 -5.32 1.59 33.18
CA GLY A 210 -4.96 2.43 34.31
C GLY A 210 -5.92 2.42 35.49
N GLY A 211 -7.11 1.87 35.31
CA GLY A 211 -8.11 1.92 36.35
C GLY A 211 -8.40 0.62 37.09
N GLU A 212 -7.67 -0.45 36.77
CA GLU A 212 -7.97 -1.75 37.38
C GLU A 212 -7.54 -1.77 38.85
N ASN A 213 -8.42 -2.27 39.71
CA ASN A 213 -8.20 -2.27 41.16
C ASN A 213 -7.75 -0.91 41.66
N LYS A 214 -8.51 0.11 41.27
CA LYS A 214 -8.38 1.43 41.85
C LYS A 214 -9.71 1.83 42.47
N PRO A 215 -9.68 2.48 43.64
CA PRO A 215 -10.95 2.81 44.31
C PRO A 215 -11.80 3.81 43.55
N ILE A 216 -11.20 4.84 42.98
CA ILE A 216 -11.93 5.84 42.20
C ILE A 216 -11.55 5.70 40.74
N VAL A 217 -12.55 5.42 39.90
CA VAL A 217 -12.39 5.38 38.45
C VAL A 217 -13.51 6.19 37.82
N ARG A 218 -13.15 7.27 37.12
CA ARG A 218 -14.11 8.22 36.57
C ARG A 218 -13.74 8.64 35.16
N LEU A 219 -14.77 8.96 34.38
CA LEU A 219 -14.62 9.54 33.05
C LEU A 219 -14.93 11.04 33.16
N TYR A 220 -13.88 11.85 33.28
CA TYR A 220 -14.01 13.30 33.27
C TYR A 220 -14.20 13.81 31.85
N TYR A 221 -14.79 15.01 31.75
CA TYR A 221 -15.07 15.60 30.45
C TYR A 221 -15.23 17.10 30.60
N SER A 222 -14.74 17.81 29.60
CA SER A 222 -14.81 19.27 29.53
C SER A 222 -15.17 19.66 28.11
N HIS A 223 -16.17 20.53 27.99
CA HIS A 223 -16.69 20.88 26.67
C HIS A 223 -15.69 21.77 25.92
N SER A 224 -15.01 22.66 26.62
CA SER A 224 -14.31 23.76 25.96
C SER A 224 -12.85 23.92 26.35
N SER A 225 -12.36 23.20 27.35
CA SER A 225 -10.95 23.28 27.70
C SER A 225 -10.43 21.89 27.98
N LYS A 226 -9.11 21.78 28.13
CA LYS A 226 -8.49 20.47 28.37
C LYS A 226 -8.48 20.21 29.87
N VAL A 227 -9.11 19.11 30.28
CA VAL A 227 -9.18 18.68 31.67
C VAL A 227 -7.80 18.79 32.28
N ALA A 228 -7.66 19.64 33.30
CA ALA A 228 -6.40 19.88 33.98
C ALA A 228 -6.71 20.29 35.41
N ALA A 229 -5.72 20.10 36.29
CA ALA A 229 -5.92 20.35 37.71
C ALA A 229 -6.25 21.82 37.98
N ASP A 230 -7.06 22.05 39.02
CA ASP A 230 -7.47 23.36 39.47
C ASP A 230 -6.32 24.29 39.81
N SER A 231 -6.64 25.52 40.15
CA SER A 231 -5.71 26.32 40.95
C SER A 231 -5.54 25.71 42.34
N ASN A 232 -6.49 24.88 42.77
CA ASN A 232 -6.44 24.11 44.01
C ASN A 232 -5.91 22.70 43.81
N GLY A 233 -5.22 22.43 42.68
CA GLY A 233 -4.74 21.09 42.39
C GLY A 233 -5.83 20.06 42.28
N GLU A 234 -7.08 20.47 42.15
CA GLU A 234 -8.21 19.56 42.12
C GLU A 234 -8.76 19.44 40.71
N PHE A 235 -9.11 18.23 40.31
CA PHE A 235 -9.79 18.03 39.05
C PHE A 235 -11.26 18.31 39.30
N SER A 236 -11.69 19.52 38.96
CA SER A 236 -13.03 19.98 39.30
C SER A 236 -13.96 19.97 38.10
N ASP A 237 -13.52 19.40 36.98
CA ASP A 237 -14.41 19.30 35.84
C ASP A 237 -15.46 18.23 36.07
N LYS A 238 -16.52 18.29 35.27
CA LYS A 238 -17.60 17.33 35.40
C LYS A 238 -17.13 15.92 35.01
N TYR A 239 -17.77 14.90 35.60
CA TYR A 239 -17.39 13.53 35.30
C TYR A 239 -18.58 12.60 35.40
N VAL A 240 -18.38 11.39 34.86
CA VAL A 240 -19.23 10.23 35.08
C VAL A 240 -18.44 9.25 35.92
N LYS A 241 -19.15 8.46 36.74
CA LYS A 241 -18.52 7.49 37.62
C LYS A 241 -18.52 6.12 36.97
N LEU A 242 -17.43 5.38 37.19
CA LEU A 242 -17.20 4.12 36.51
C LEU A 242 -16.99 3.02 37.54
N THR A 243 -17.76 1.96 37.41
CA THR A 243 -17.68 0.80 38.26
C THR A 243 -17.15 -0.41 37.48
N PRO A 244 -16.23 -1.19 38.06
CA PRO A 244 -15.72 -2.38 37.36
C PRO A 244 -16.85 -3.26 36.84
N THR A 245 -16.60 -3.93 35.73
CA THR A 245 -17.53 -4.90 35.20
C THR A 245 -16.78 -5.86 34.29
N THR A 246 -17.53 -6.63 33.51
CA THR A 246 -17.00 -7.71 32.68
C THR A 246 -17.28 -7.40 31.22
N VAL A 247 -16.23 -7.50 30.38
CA VAL A 247 -16.36 -7.27 28.95
C VAL A 247 -17.47 -8.15 28.40
N ASN A 248 -18.41 -7.52 27.71
CA ASN A 248 -19.50 -8.33 27.19
C ASN A 248 -19.05 -9.11 25.95
N GLN A 249 -19.92 -10.01 25.50
CA GLN A 249 -19.60 -10.83 24.34
C GLN A 249 -19.54 -9.97 23.07
N GLN A 250 -20.46 -9.01 22.94
CA GLN A 250 -20.48 -8.17 21.75
C GLN A 250 -19.28 -7.24 21.67
N VAL A 251 -18.74 -6.81 22.82
CA VAL A 251 -17.57 -5.94 22.80
C VAL A 251 -16.30 -6.74 22.47
N SER A 252 -16.23 -7.98 22.94
CA SER A 252 -15.05 -8.81 22.64
C SER A 252 -15.07 -9.28 21.19
N MET A 253 -16.24 -9.64 20.68
CA MET A 253 -16.38 -9.88 19.25
C MET A 253 -15.93 -8.66 18.46
N ARG A 254 -16.42 -7.48 18.83
CA ARG A 254 -16.13 -6.26 18.07
C ARG A 254 -14.66 -5.89 18.17
N PHE A 255 -14.08 -5.91 19.37
CA PHE A 255 -12.73 -5.41 19.63
C PHE A 255 -11.85 -6.47 20.27
N PRO A 256 -11.64 -7.62 19.59
CA PRO A 256 -10.91 -8.73 20.23
C PRO A 256 -9.50 -8.36 20.69
N HIS A 257 -8.88 -7.35 20.08
CA HIS A 257 -7.57 -6.94 20.55
C HIS A 257 -7.63 -6.17 21.85
N LEU A 258 -8.84 -5.85 22.32
CA LEU A 258 -9.01 -5.16 23.58
C LEU A 258 -9.68 -6.03 24.65
N ALA A 259 -10.07 -7.26 24.29
CA ALA A 259 -10.85 -8.09 25.20
C ALA A 259 -10.13 -8.37 26.51
N SER A 260 -8.81 -8.24 26.55
CA SER A 260 -8.04 -8.39 27.78
C SER A 260 -7.89 -7.06 28.53
N TYR A 261 -8.69 -6.13 28.25
CA TYR A 261 -8.62 -4.88 28.99
C TYR A 261 -9.56 -4.92 30.19
N PRO A 262 -9.15 -4.38 31.33
CA PRO A 262 -10.08 -4.25 32.47
C PRO A 262 -11.26 -3.34 32.12
N ALA A 263 -12.47 -3.87 32.29
CA ALA A 263 -13.71 -3.23 31.85
C ALA A 263 -14.41 -2.46 32.97
N PHE A 264 -15.12 -1.40 32.58
CA PHE A 264 -15.83 -0.51 33.49
C PHE A 264 -17.19 -0.12 32.91
N LYS A 265 -18.17 0.05 33.81
CA LYS A 265 -19.54 0.35 33.43
C LYS A 265 -19.83 1.83 33.68
N LEU A 266 -20.64 2.42 32.80
CA LEU A 266 -21.20 3.76 32.95
C LEU A 266 -22.70 3.67 33.20
N PRO A 267 -23.28 4.65 33.87
CA PRO A 267 -24.73 4.64 34.08
C PRO A 267 -25.50 4.64 32.77
N ASP A 268 -26.59 3.88 32.73
CA ASP A 268 -27.38 3.78 31.51
C ASP A 268 -27.97 5.12 31.07
N ASP A 269 -27.93 6.14 31.91
CA ASP A 269 -28.54 7.43 31.61
C ASP A 269 -27.52 8.49 31.24
N VAL A 270 -26.25 8.12 31.06
CA VAL A 270 -25.25 9.11 30.68
C VAL A 270 -25.59 9.67 29.33
N ASN A 271 -25.45 10.99 29.20
CA ASN A 271 -25.72 11.72 27.95
C ASN A 271 -24.43 11.71 27.14
N VAL A 272 -24.28 10.69 26.29
CA VAL A 272 -23.03 10.54 25.54
C VAL A 272 -22.82 11.70 24.58
N ASP A 273 -23.90 12.24 24.00
CA ASP A 273 -23.75 13.35 23.07
C ASP A 273 -23.00 14.52 23.71
N GLU A 274 -23.24 14.78 25.00
CA GLU A 274 -22.58 15.90 25.65
C GLU A 274 -21.09 15.63 25.86
N LEU A 275 -20.74 14.41 26.27
CA LEU A 275 -19.34 14.13 26.52
C LEU A 275 -18.53 14.11 25.24
N LEU A 276 -19.13 13.61 24.15
CA LEU A 276 -18.38 13.50 22.90
C LEU A 276 -18.16 14.83 22.21
N GLN A 277 -18.75 15.92 22.73
CA GLN A 277 -18.58 17.26 22.14
C GLN A 277 -17.24 17.89 22.50
N GLY A 278 -16.54 17.37 23.50
CA GLY A 278 -15.31 18.01 23.93
C GLY A 278 -14.22 17.01 24.25
N GLU A 279 -13.38 17.32 25.22
CA GLU A 279 -12.37 16.40 25.68
C GLU A 279 -12.95 15.49 26.74
N THR A 280 -12.64 14.19 26.64
CA THR A 280 -12.88 13.24 27.72
C THR A 280 -11.55 12.62 28.13
N VAL A 281 -11.36 12.49 29.44
CA VAL A 281 -10.13 11.97 30.04
C VAL A 281 -10.52 10.97 31.13
N ALA A 282 -10.08 9.72 31.00
CA ALA A 282 -10.29 8.75 32.05
C ALA A 282 -9.29 9.00 33.17
N ILE A 283 -9.80 9.12 34.41
CA ILE A 283 -8.99 9.41 35.58
C ILE A 283 -9.22 8.33 36.62
N ALA A 284 -8.13 7.86 37.25
CA ALA A 284 -8.18 6.92 38.35
C ALA A 284 -7.42 7.49 39.54
N ALA A 285 -7.86 7.13 40.75
CA ALA A 285 -7.32 7.76 41.96
C ALA A 285 -7.36 6.81 43.14
N GLU A 286 -6.45 7.06 44.09
CA GLU A 286 -6.37 6.31 45.34
C GLU A 286 -7.58 6.62 46.23
N SER A 287 -7.63 5.94 47.38
CA SER A 287 -8.79 6.07 48.26
C SER A 287 -8.91 7.48 48.84
N ASP A 288 -7.80 8.20 49.00
CA ASP A 288 -7.85 9.57 49.51
C ASP A 288 -8.04 10.61 48.43
N GLY A 289 -8.03 10.20 47.15
CA GLY A 289 -8.23 11.10 46.05
C GLY A 289 -6.99 11.46 45.26
N ILE A 290 -5.82 11.00 45.68
CA ILE A 290 -4.61 11.29 44.93
C ILE A 290 -4.64 10.57 43.58
N LEU A 291 -4.25 11.29 42.54
CA LEU A 291 -4.36 10.81 41.17
C LEU A 291 -3.41 9.67 40.91
N SER A 292 -3.94 8.53 40.45
CA SER A 292 -3.07 7.45 39.95
C SER A 292 -2.55 7.80 38.56
N SER A 293 -3.44 7.77 37.57
CA SER A 293 -3.10 8.11 36.21
C SER A 293 -4.29 8.80 35.54
N ALA A 294 -4.00 9.49 34.43
CA ALA A 294 -5.01 10.12 33.60
C ALA A 294 -4.60 9.99 32.14
N THR A 295 -5.54 9.61 31.28
CA THR A 295 -5.23 9.35 29.89
C THR A 295 -6.37 9.84 29.01
N GLN A 296 -6.05 10.13 27.74
CA GLN A 296 -7.06 10.47 26.75
C GLN A 296 -7.81 9.21 26.32
N VAL A 297 -8.98 9.42 25.74
CA VAL A 297 -9.95 8.37 25.46
C VAL A 297 -10.12 8.26 23.96
N GLN A 298 -10.13 7.02 23.48
CA GLN A 298 -10.43 6.71 22.09
C GLN A 298 -11.90 6.34 22.00
N THR A 299 -12.61 7.00 21.10
CA THR A 299 -14.06 7.02 21.13
C THR A 299 -14.71 6.39 19.92
N ALA A 300 -13.92 5.87 18.97
CA ALA A 300 -14.54 5.37 17.73
C ALA A 300 -15.54 4.25 18.01
N GLY A 301 -15.29 3.43 19.04
CA GLY A 301 -16.26 2.39 19.35
C GLY A 301 -17.60 2.95 19.77
N VAL A 302 -17.60 3.87 20.74
CA VAL A 302 -18.88 4.40 21.18
C VAL A 302 -19.55 5.25 20.08
N LEU A 303 -18.75 5.95 19.27
CA LEU A 303 -19.34 6.69 18.14
C LEU A 303 -20.11 5.75 17.24
N ASP A 304 -19.55 4.57 16.94
CA ASP A 304 -20.26 3.59 16.12
C ASP A 304 -21.50 3.05 16.85
N ASP A 305 -21.36 2.73 18.13
CA ASP A 305 -22.50 2.19 18.87
C ASP A 305 -23.63 3.21 18.95
N THR A 306 -23.29 4.51 19.13
CA THR A 306 -24.27 5.58 19.32
C THR A 306 -24.92 6.01 18.01
N TYR A 307 -24.12 6.17 16.94
CA TYR A 307 -24.57 6.90 15.75
C TYR A 307 -24.68 6.08 14.48
N ALA A 308 -23.92 4.99 14.33
CA ALA A 308 -23.73 4.41 13.00
C ALA A 308 -25.05 3.94 12.40
N ALA A 309 -25.94 3.35 13.20
CA ALA A 309 -27.16 2.79 12.63
C ALA A 309 -27.96 3.87 11.92
N ALA A 310 -28.11 5.03 12.57
CA ALA A 310 -28.84 6.13 11.94
C ALA A 310 -28.03 6.74 10.80
N ALA A 311 -26.73 6.98 11.04
CA ALA A 311 -25.88 7.63 10.04
C ALA A 311 -25.78 6.81 8.75
N GLU A 312 -25.81 5.48 8.84
CA GLU A 312 -25.69 4.66 7.64
C GLU A 312 -26.89 4.80 6.71
N ALA A 313 -28.05 5.21 7.23
CA ALA A 313 -29.24 5.35 6.40
C ALA A 313 -29.23 6.62 5.56
N LEU A 314 -28.32 7.55 5.81
CA LEU A 314 -28.28 8.83 5.12
C LEU A 314 -27.28 8.77 3.97
N SER A 315 -27.44 9.70 3.02
CA SER A 315 -26.50 9.90 1.92
C SER A 315 -25.75 11.20 2.12
N TYR A 316 -24.48 11.26 1.67
CA TYR A 316 -23.58 12.32 2.09
C TYR A 316 -23.01 13.11 0.90
N GLY A 317 -22.49 14.29 1.21
CA GLY A 317 -21.96 15.19 0.21
C GLY A 317 -22.98 16.20 -0.24
N ALA A 318 -22.66 16.89 -1.34
CA ALA A 318 -23.51 17.90 -1.95
C ALA A 318 -24.36 17.22 -3.02
N GLN A 319 -25.63 16.98 -2.71
CA GLN A 319 -26.48 16.12 -3.52
C GLN A 319 -27.57 16.93 -4.20
N LEU A 320 -27.59 16.87 -5.53
CA LEU A 320 -28.67 17.47 -6.28
C LEU A 320 -29.94 16.68 -6.07
N THR A 321 -31.03 17.37 -5.78
CA THR A 321 -32.35 16.78 -5.65
C THR A 321 -33.30 17.53 -6.56
N ASP A 322 -34.56 17.12 -6.58
CA ASP A 322 -35.54 17.82 -7.40
C ASP A 322 -35.95 19.17 -6.80
N SER A 323 -35.71 19.39 -5.51
CA SER A 323 -36.03 20.68 -4.91
C SER A 323 -34.85 21.63 -4.88
N GLY A 324 -33.63 21.10 -4.88
CA GLY A 324 -32.44 21.93 -4.79
C GLY A 324 -31.19 21.11 -4.59
N VAL A 325 -30.36 21.51 -3.62
CA VAL A 325 -29.15 20.82 -3.24
C VAL A 325 -29.20 20.55 -1.74
N THR A 326 -28.94 19.30 -1.35
CA THR A 326 -28.83 18.90 0.04
C THR A 326 -27.36 18.62 0.36
N PHE A 327 -26.82 19.32 1.35
CA PHE A 327 -25.46 19.09 1.85
C PHE A 327 -25.54 18.25 3.11
N ARG A 328 -24.69 17.22 3.21
CA ARG A 328 -24.66 16.46 4.46
C ARG A 328 -23.26 15.91 4.73
N VAL A 329 -22.79 16.10 5.95
CA VAL A 329 -21.49 15.62 6.36
C VAL A 329 -21.64 14.95 7.73
N TRP A 330 -20.95 13.83 7.91
CA TRP A 330 -20.97 13.12 9.18
C TRP A 330 -19.93 13.73 10.09
N ALA A 331 -20.36 14.31 11.23
CA ALA A 331 -19.45 14.96 12.16
C ALA A 331 -20.01 14.87 13.57
N PRO A 332 -20.07 13.64 14.13
CA PRO A 332 -20.83 13.43 15.37
C PRO A 332 -20.22 14.05 16.60
N THR A 333 -18.97 14.50 16.57
CA THR A 333 -18.39 15.16 17.74
C THR A 333 -18.23 16.66 17.57
N ALA A 334 -18.60 17.20 16.42
CA ALA A 334 -18.38 18.62 16.19
C ALA A 334 -19.33 19.44 17.04
N GLN A 335 -18.83 20.58 17.52
CA GLN A 335 -19.69 21.55 18.21
C GLN A 335 -20.47 22.43 17.24
N GLN A 336 -19.86 22.82 16.11
CA GLN A 336 -20.54 23.57 15.06
C GLN A 336 -20.04 23.11 13.70
N VAL A 337 -20.93 23.09 12.70
CA VAL A 337 -20.55 22.92 11.29
C VAL A 337 -21.25 24.00 10.49
N GLU A 338 -20.49 24.85 9.81
CA GLU A 338 -21.07 25.86 8.94
C GLU A 338 -20.71 25.56 7.48
N LEU A 339 -21.71 25.62 6.61
CA LEU A 339 -21.47 25.42 5.18
C LEU A 339 -21.07 26.75 4.55
N VAL A 340 -19.84 26.83 4.04
CA VAL A 340 -19.32 28.05 3.45
C VAL A 340 -19.35 27.90 1.94
N ILE A 341 -20.07 28.81 1.28
CA ILE A 341 -20.25 28.83 -0.17
C ILE A 341 -19.31 29.86 -0.77
N TYR A 342 -18.63 29.48 -1.84
CA TYR A 342 -17.63 30.33 -2.50
C TYR A 342 -17.99 30.58 -3.96
N SER A 343 -17.68 31.78 -4.42
CA SER A 343 -17.73 32.15 -5.82
C SER A 343 -16.64 31.42 -6.61
N ALA A 344 -16.75 31.47 -7.95
CA ALA A 344 -15.73 30.91 -8.83
C ALA A 344 -14.35 31.42 -8.49
N ASP A 345 -14.22 32.69 -8.08
CA ASP A 345 -12.93 33.24 -7.69
C ASP A 345 -12.67 33.15 -6.19
N LYS A 346 -13.40 32.28 -5.49
CA LYS A 346 -13.10 31.87 -4.11
C LYS A 346 -13.34 32.99 -3.11
N LYS A 347 -14.40 33.76 -3.33
CA LYS A 347 -14.91 34.69 -2.34
C LYS A 347 -16.11 34.05 -1.66
N VAL A 348 -16.16 34.18 -0.33
CA VAL A 348 -17.30 33.73 0.45
C VAL A 348 -18.54 34.48 -0.01
N ILE A 349 -19.55 33.76 -0.50
CA ILE A 349 -20.79 34.41 -0.89
C ILE A 349 -21.98 34.03 -0.02
N ALA A 350 -21.81 33.07 0.90
CA ALA A 350 -22.82 32.73 1.89
C ALA A 350 -22.18 31.80 2.90
N SER A 351 -22.78 31.73 4.09
CA SER A 351 -22.28 30.90 5.17
C SER A 351 -23.47 30.42 5.98
N HIS A 352 -23.68 29.11 6.05
CA HIS A 352 -24.92 28.59 6.64
C HIS A 352 -24.63 27.63 7.80
N PRO A 353 -24.99 27.99 9.03
CA PRO A 353 -25.00 26.99 10.12
C PRO A 353 -25.87 25.80 9.76
N MET A 354 -25.29 24.60 9.86
CA MET A 354 -25.98 23.39 9.42
C MET A 354 -26.84 22.81 10.55
N THR A 355 -27.77 21.94 10.18
CA THR A 355 -28.69 21.34 11.14
C THR A 355 -28.13 19.99 11.59
N ARG A 356 -27.88 19.86 12.89
CA ARG A 356 -27.40 18.61 13.45
C ARG A 356 -28.58 17.67 13.69
N ASP A 357 -28.49 16.46 13.15
CA ASP A 357 -29.44 15.39 13.43
C ASP A 357 -28.88 14.55 14.59
N SER A 358 -29.57 14.54 15.73
CA SER A 358 -28.95 13.97 16.93
C SER A 358 -28.96 12.45 16.95
N ALA A 359 -29.81 11.80 16.16
CA ALA A 359 -29.72 10.35 16.07
C ALA A 359 -28.43 9.93 15.37
N SER A 360 -28.07 10.62 14.29
CA SER A 360 -26.95 10.19 13.45
C SER A 360 -25.66 10.95 13.72
N GLY A 361 -25.71 12.13 14.31
CA GLY A 361 -24.53 12.95 14.33
C GLY A 361 -24.14 13.53 12.98
N ALA A 362 -24.99 13.36 11.96
CA ALA A 362 -24.80 14.03 10.69
C ALA A 362 -25.34 15.46 10.75
N TRP A 363 -24.75 16.33 9.93
CA TRP A 363 -25.18 17.72 9.79
C TRP A 363 -25.59 17.95 8.35
N SER A 364 -26.69 18.70 8.17
CA SER A 364 -27.27 18.87 6.84
C SER A 364 -27.76 20.31 6.66
N TRP A 365 -27.90 20.69 5.39
CA TRP A 365 -28.45 21.99 5.03
C TRP A 365 -28.96 21.89 3.60
N GLN A 366 -30.09 22.53 3.34
CA GLN A 366 -30.72 22.46 2.03
C GLN A 366 -30.73 23.84 1.41
N GLY A 367 -30.26 23.95 0.18
CA GLY A 367 -30.25 25.21 -0.54
C GLY A 367 -30.79 25.06 -1.93
N GLY A 368 -30.67 26.12 -2.74
CA GLY A 368 -31.28 26.10 -4.05
C GLY A 368 -30.48 25.35 -5.09
N SER A 369 -31.19 24.99 -6.17
CA SER A 369 -30.62 24.30 -7.32
C SER A 369 -29.53 25.09 -8.00
N ASP A 370 -29.51 26.43 -7.83
CA ASP A 370 -28.47 27.27 -8.42
C ASP A 370 -27.12 27.08 -7.76
N LEU A 371 -27.05 26.39 -6.63
CA LEU A 371 -25.77 26.06 -6.01
C LEU A 371 -24.98 25.02 -6.81
N LYS A 372 -25.54 24.46 -7.87
CA LYS A 372 -24.79 23.53 -8.71
C LYS A 372 -23.62 24.26 -9.33
N GLY A 373 -22.44 23.64 -9.31
CA GLY A 373 -21.22 24.29 -9.73
C GLY A 373 -20.55 25.16 -8.67
N ALA A 374 -21.21 25.44 -7.56
CA ALA A 374 -20.63 26.33 -6.56
C ALA A 374 -19.55 25.61 -5.76
N PHE A 375 -18.51 26.37 -5.37
CA PHE A 375 -17.48 25.83 -4.49
C PHE A 375 -17.89 25.98 -3.02
N TYR A 376 -17.41 25.07 -2.17
CA TYR A 376 -17.83 25.03 -0.78
C TYR A 376 -16.81 24.30 0.09
N ARG A 377 -16.78 24.66 1.37
CA ARG A 377 -16.11 23.90 2.41
C ARG A 377 -17.01 23.83 3.64
N TYR A 378 -16.69 22.92 4.57
CA TYR A 378 -17.33 22.89 5.88
C TYR A 378 -16.43 23.60 6.87
N ALA A 379 -16.95 24.64 7.52
CA ALA A 379 -16.25 25.31 8.60
C ALA A 379 -16.51 24.53 9.88
N MET A 380 -15.49 23.79 10.36
CA MET A 380 -15.62 22.92 11.52
C MET A 380 -15.25 23.64 12.80
N THR A 381 -16.05 23.46 13.86
CA THR A 381 -15.63 23.76 15.23
C THR A 381 -15.65 22.42 15.97
N VAL A 382 -14.49 21.84 16.25
CA VAL A 382 -14.43 20.44 16.69
C VAL A 382 -13.16 20.20 17.51
N TYR A 383 -13.32 19.45 18.59
CA TYR A 383 -12.19 19.09 19.43
C TYR A 383 -11.36 18.00 18.73
N HIS A 384 -10.04 18.19 18.70
CA HIS A 384 -9.16 17.16 18.16
C HIS A 384 -8.26 16.60 19.25
N PRO A 385 -8.36 15.31 19.58
CA PRO A 385 -7.56 14.79 20.71
C PRO A 385 -6.06 14.95 20.52
N GLN A 386 -5.58 14.99 19.27
CA GLN A 386 -4.14 15.09 19.06
C GLN A 386 -3.60 16.41 19.60
N SER A 387 -4.24 17.50 19.24
CA SER A 387 -3.82 18.81 19.77
C SER A 387 -4.51 19.15 21.07
N ARG A 388 -5.58 18.44 21.44
CA ARG A 388 -6.36 18.74 22.64
C ARG A 388 -6.99 20.12 22.60
N LYS A 389 -7.12 20.70 21.41
CA LYS A 389 -7.80 21.99 21.25
C LYS A 389 -9.12 21.78 20.53
N VAL A 390 -10.08 22.66 20.82
CA VAL A 390 -11.24 22.81 19.97
C VAL A 390 -10.76 23.57 18.74
N GLU A 391 -10.60 22.86 17.62
CA GLU A 391 -10.03 23.46 16.42
C GLU A 391 -11.09 24.19 15.61
N GLN A 392 -10.66 25.22 14.86
CA GLN A 392 -11.52 25.88 13.87
C GLN A 392 -10.82 25.90 12.52
N TYR A 393 -11.41 25.23 11.54
CA TYR A 393 -10.84 25.17 10.21
C TYR A 393 -11.90 24.76 9.21
N GLU A 394 -11.67 25.16 7.95
CA GLU A 394 -12.51 24.76 6.83
C GLU A 394 -11.91 23.54 6.16
N VAL A 395 -12.75 22.57 5.84
CA VAL A 395 -12.28 21.31 5.27
C VAL A 395 -13.12 21.00 4.05
N THR A 396 -12.48 20.48 3.00
CA THR A 396 -13.23 19.98 1.86
C THR A 396 -14.08 18.78 2.27
N ASP A 397 -15.03 18.45 1.40
CA ASP A 397 -15.99 17.38 1.65
C ASP A 397 -15.34 16.02 1.43
N PRO A 398 -15.35 15.12 2.41
CA PRO A 398 -14.83 13.76 2.14
C PRO A 398 -15.62 13.06 1.07
N TYR A 399 -16.90 13.39 0.91
CA TYR A 399 -17.71 12.91 -0.20
C TYR A 399 -17.67 13.84 -1.42
N ALA A 400 -16.63 14.65 -1.57
CA ALA A 400 -16.53 15.53 -2.72
C ALA A 400 -16.58 14.71 -4.01
N HIS A 401 -17.30 15.24 -5.01
CA HIS A 401 -17.31 14.62 -6.33
C HIS A 401 -16.77 15.56 -7.40
N SER A 402 -16.34 16.76 -7.04
CA SER A 402 -15.65 17.67 -7.92
C SER A 402 -14.82 18.60 -7.06
N LEU A 403 -13.74 19.11 -7.64
CA LEU A 403 -12.75 19.88 -6.88
C LEU A 403 -12.28 21.08 -7.68
N SER A 404 -11.82 22.10 -6.94
CA SER A 404 -11.03 23.16 -7.55
C SER A 404 -9.60 22.65 -7.76
N THR A 405 -8.79 23.49 -8.41
CA THR A 405 -7.38 23.16 -8.66
C THR A 405 -6.66 22.84 -7.36
N ASN A 406 -5.97 21.68 -7.33
CA ASN A 406 -5.19 21.24 -6.18
C ASN A 406 -6.08 20.89 -4.99
N SER A 407 -7.38 20.68 -5.23
CA SER A 407 -8.31 20.15 -4.25
C SER A 407 -8.56 21.10 -3.08
N GLU A 408 -8.36 22.41 -3.27
CA GLU A 408 -8.51 23.33 -2.16
C GLU A 408 -9.97 23.53 -1.77
N TYR A 409 -10.89 23.44 -2.73
CA TYR A 409 -12.32 23.60 -2.47
C TYR A 409 -13.06 22.44 -3.09
N SER A 410 -14.12 21.96 -2.42
CA SER A 410 -15.00 21.04 -3.11
C SER A 410 -16.05 21.83 -3.89
N GLN A 411 -16.74 21.13 -4.79
CA GLN A 411 -17.65 21.78 -5.72
C GLN A 411 -18.88 20.92 -5.92
N VAL A 412 -20.05 21.56 -5.91
CA VAL A 412 -21.31 20.85 -6.09
C VAL A 412 -21.40 20.36 -7.54
N VAL A 413 -21.70 19.08 -7.75
CA VAL A 413 -21.79 18.55 -9.10
C VAL A 413 -22.93 17.54 -9.16
N ASP A 414 -23.58 17.49 -10.32
CA ASP A 414 -24.52 16.41 -10.64
C ASP A 414 -23.84 15.53 -11.70
N LEU A 415 -23.26 14.41 -11.28
CA LEU A 415 -22.48 13.62 -12.22
C LEU A 415 -23.31 13.07 -13.38
N ASN A 416 -24.65 13.10 -13.28
CA ASN A 416 -25.50 12.65 -14.37
C ASN A 416 -25.69 13.68 -15.48
N ASP A 417 -25.31 14.94 -15.25
CA ASP A 417 -25.44 15.96 -16.29
C ASP A 417 -24.84 15.49 -17.60
N SER A 418 -25.60 15.65 -18.69
CA SER A 418 -25.05 15.24 -19.98
C SER A 418 -23.91 16.15 -20.42
N ALA A 419 -23.82 17.37 -19.86
CA ALA A 419 -22.66 18.21 -20.16
C ALA A 419 -21.36 17.60 -19.62
N LEU A 420 -21.44 16.69 -18.66
CA LEU A 420 -20.24 16.06 -18.12
C LEU A 420 -19.98 14.68 -18.71
N LYS A 421 -20.68 14.34 -19.80
CA LYS A 421 -20.58 13.05 -20.45
C LYS A 421 -20.14 13.20 -21.89
N PRO A 422 -19.23 12.34 -22.39
CA PRO A 422 -19.02 12.27 -23.84
C PRO A 422 -20.28 11.76 -24.52
N GLU A 423 -20.43 12.09 -25.79
CA GLU A 423 -21.58 11.58 -26.55
C GLU A 423 -21.55 10.05 -26.58
N GLY A 424 -22.67 9.43 -26.20
CA GLY A 424 -22.81 7.99 -26.19
C GLY A 424 -22.55 7.32 -24.86
N TRP A 425 -22.07 8.09 -23.88
CA TRP A 425 -21.69 7.55 -22.57
C TRP A 425 -22.74 6.61 -21.99
N ASP A 426 -24.01 7.01 -21.98
CA ASP A 426 -25.01 6.24 -21.27
C ASP A 426 -25.16 4.82 -21.81
N GLY A 427 -24.87 4.61 -23.08
CA GLY A 427 -24.94 3.28 -23.67
C GLY A 427 -23.63 2.52 -23.73
N LEU A 428 -22.59 3.01 -23.06
CA LEU A 428 -21.28 2.37 -23.15
C LEU A 428 -21.27 1.07 -22.37
N THR A 429 -20.82 0.00 -23.03
CA THR A 429 -20.83 -1.35 -22.47
C THR A 429 -19.41 -1.90 -22.33
N MET A 430 -19.29 -2.97 -21.56
CA MET A 430 -18.01 -3.70 -21.40
C MET A 430 -17.65 -4.45 -22.67
N PRO A 431 -16.50 -4.18 -23.29
CA PRO A 431 -16.09 -5.03 -24.42
C PRO A 431 -15.81 -6.48 -24.03
N HIS A 432 -15.56 -6.78 -22.77
CA HIS A 432 -15.23 -8.13 -22.33
C HIS A 432 -16.16 -8.57 -21.21
N ALA A 433 -16.74 -9.77 -21.35
CA ALA A 433 -17.60 -10.31 -20.31
C ALA A 433 -16.80 -10.60 -19.05
N GLN A 434 -17.47 -10.48 -17.88
CA GLN A 434 -16.93 -10.81 -16.57
C GLN A 434 -17.95 -11.58 -15.72
N LYS A 435 -18.84 -12.33 -16.36
CA LYS A 435 -20.01 -12.87 -15.66
C LYS A 435 -19.74 -14.23 -15.04
N THR A 436 -19.23 -15.16 -15.83
CA THR A 436 -18.89 -16.49 -15.35
C THR A 436 -17.43 -16.54 -14.91
N LYS A 437 -17.11 -17.59 -14.14
CA LYS A 437 -15.72 -17.81 -13.75
C LYS A 437 -14.83 -18.01 -14.97
N ALA A 438 -15.38 -18.57 -16.06
CA ALA A 438 -14.63 -18.67 -17.32
C ALA A 438 -14.47 -17.30 -17.99
N ASP A 439 -15.47 -16.44 -17.85
CA ASP A 439 -15.31 -15.05 -18.29
C ASP A 439 -14.17 -14.38 -17.54
N LEU A 440 -14.15 -14.52 -16.22
CA LEU A 440 -13.15 -13.84 -15.39
C LEU A 440 -11.75 -14.37 -15.67
N ALA A 441 -11.61 -15.69 -15.90
CA ALA A 441 -10.27 -16.27 -16.09
C ALA A 441 -9.57 -15.70 -17.32
N LYS A 442 -10.34 -15.27 -18.31
CA LYS A 442 -9.80 -14.66 -19.51
C LYS A 442 -9.16 -13.30 -19.28
N MET A 443 -9.32 -12.71 -18.09
CA MET A 443 -8.81 -11.38 -17.82
C MET A 443 -7.29 -11.35 -17.99
N THR A 444 -6.83 -10.45 -18.86
CA THR A 444 -5.41 -10.27 -19.19
C THR A 444 -5.10 -8.79 -19.03
N ILE A 445 -4.42 -8.43 -17.95
CA ILE A 445 -4.38 -7.05 -17.47
C ILE A 445 -3.07 -6.38 -17.85
N HIS A 446 -3.16 -5.13 -18.31
CA HIS A 446 -2.03 -4.28 -18.66
C HIS A 446 -1.99 -3.11 -17.68
N GLU A 447 -1.10 -3.19 -16.68
CA GLU A 447 -1.12 -2.24 -15.57
C GLU A 447 -0.35 -0.98 -15.97
N SER A 448 -1.05 0.16 -16.08
CA SER A 448 -0.54 1.36 -16.72
C SER A 448 -0.69 2.58 -15.81
N HIS A 449 0.02 3.65 -16.19
CA HIS A 449 0.09 4.92 -15.51
C HIS A 449 -0.10 6.03 -16.54
N ILE A 450 -0.80 7.12 -16.16
CA ILE A 450 -1.17 8.13 -17.14
C ILE A 450 0.07 8.78 -17.76
N ARG A 451 1.09 9.06 -16.95
CA ARG A 451 2.28 9.68 -17.55
C ARG A 451 3.15 8.64 -18.24
N ASP A 452 3.29 7.45 -17.65
CA ASP A 452 4.07 6.39 -18.31
C ASP A 452 3.57 6.12 -19.72
N LEU A 453 2.25 6.29 -19.95
CA LEU A 453 1.70 6.01 -21.27
C LEU A 453 2.15 7.06 -22.30
N SER A 454 2.05 8.35 -21.97
CA SER A 454 2.15 9.37 -23.00
C SER A 454 3.20 10.45 -22.78
N ALA A 455 3.87 10.48 -21.64
CA ALA A 455 4.75 11.61 -21.38
C ALA A 455 5.84 11.75 -22.43
N TRP A 456 6.27 10.63 -23.03
CA TRP A 456 7.38 10.60 -23.97
C TRP A 456 6.96 10.51 -25.44
N ASP A 457 5.68 10.38 -25.73
CA ASP A 457 5.23 10.10 -27.09
C ASP A 457 5.11 11.42 -27.84
N GLN A 458 6.06 11.68 -28.73
CA GLN A 458 6.02 12.86 -29.59
C GLN A 458 4.86 12.82 -30.57
N THR A 459 4.25 11.65 -30.76
CA THR A 459 3.10 11.54 -31.65
C THR A 459 1.78 11.74 -30.93
N VAL A 460 1.80 11.89 -29.61
CA VAL A 460 0.64 12.39 -28.88
C VAL A 460 0.71 13.91 -28.93
N PRO A 461 -0.38 14.61 -29.27
CA PRO A 461 -0.37 16.07 -29.24
C PRO A 461 0.17 16.60 -27.92
N ALA A 462 1.00 17.65 -28.01
CA ALA A 462 1.80 18.06 -26.86
C ALA A 462 0.91 18.36 -25.66
N GLU A 463 -0.24 19.00 -25.89
CA GLU A 463 -1.08 19.39 -24.77
C GLU A 463 -1.79 18.20 -24.13
N LEU A 464 -1.78 17.03 -24.75
CA LEU A 464 -2.39 15.84 -24.20
C LEU A 464 -1.39 14.91 -23.53
N ARG A 465 -0.11 15.26 -23.50
CA ARG A 465 0.88 14.34 -22.95
C ARG A 465 0.79 14.34 -21.42
N GLY A 466 0.73 13.14 -20.85
CA GLY A 466 0.47 13.01 -19.44
C GLY A 466 -0.96 13.25 -19.02
N LYS A 467 -1.90 13.19 -19.95
CA LYS A 467 -3.30 13.51 -19.69
C LYS A 467 -4.19 12.32 -19.99
N TYR A 468 -5.34 12.27 -19.30
CA TYR A 468 -6.36 11.27 -19.66
C TYR A 468 -6.62 11.24 -21.16
N LEU A 469 -6.67 12.42 -21.80
CA LEU A 469 -7.13 12.49 -23.18
C LEU A 469 -6.09 11.98 -24.19
N ALA A 470 -4.86 11.67 -23.76
CA ALA A 470 -3.89 11.06 -24.66
C ALA A 470 -4.43 9.76 -25.26
N LEU A 471 -5.28 9.05 -24.52
CA LEU A 471 -5.88 7.82 -25.01
C LEU A 471 -6.82 8.04 -26.17
N THR A 472 -7.23 9.29 -26.45
CA THR A 472 -8.07 9.59 -27.61
C THR A 472 -7.24 9.90 -28.85
N ALA A 473 -5.92 9.90 -28.76
CA ALA A 473 -5.05 10.29 -29.87
C ALA A 473 -4.87 9.10 -30.81
N GLN A 474 -5.88 8.88 -31.66
CA GLN A 474 -6.05 7.61 -32.37
C GLN A 474 -4.85 7.24 -33.24
N GLU A 475 -4.05 8.22 -33.68
CA GLU A 475 -2.94 7.89 -34.56
C GLU A 475 -1.58 7.88 -33.86
N SER A 476 -1.54 8.24 -32.57
CA SER A 476 -0.28 8.19 -31.83
C SER A 476 0.28 6.76 -31.79
N ASN A 477 1.61 6.67 -31.70
CA ASN A 477 2.28 5.38 -31.48
C ASN A 477 1.72 4.65 -30.28
N MET A 478 1.53 5.37 -29.16
CA MET A 478 1.05 4.75 -27.94
C MET A 478 -0.32 4.12 -28.14
N VAL A 479 -1.28 4.87 -28.68
CA VAL A 479 -2.63 4.31 -28.80
C VAL A 479 -2.65 3.16 -29.81
N GLN A 480 -1.94 3.32 -30.94
N GLN A 480 -1.92 3.29 -30.92
CA GLN A 480 -1.87 2.25 -31.92
CA GLN A 480 -1.91 2.22 -31.91
C GLN A 480 -1.27 0.99 -31.31
C GLN A 480 -1.24 0.97 -31.35
N HIS A 481 -0.19 1.13 -30.54
CA HIS A 481 0.43 -0.02 -29.88
C HIS A 481 -0.57 -0.69 -28.94
N LEU A 482 -1.36 0.10 -28.19
CA LEU A 482 -2.37 -0.47 -27.31
C LEU A 482 -3.46 -1.17 -28.11
N LYS A 483 -3.91 -0.57 -29.22
CA LYS A 483 -4.91 -1.23 -30.06
C LYS A 483 -4.42 -2.59 -30.52
N GLN A 484 -3.18 -2.65 -31.01
CA GLN A 484 -2.58 -3.91 -31.42
C GLN A 484 -2.57 -4.91 -30.27
N LEU A 485 -2.15 -4.47 -29.08
CA LEU A 485 -2.14 -5.38 -27.93
C LEU A 485 -3.53 -5.92 -27.64
N SER A 486 -4.54 -5.07 -27.82
CA SER A 486 -5.90 -5.48 -27.55
C SER A 486 -6.39 -6.48 -28.59
N ALA A 487 -6.18 -6.20 -29.87
CA ALA A 487 -6.51 -7.17 -30.92
C ALA A 487 -5.90 -8.54 -30.62
N SER A 488 -4.71 -8.57 -30.02
CA SER A 488 -4.00 -9.82 -29.77
C SER A 488 -4.40 -10.49 -28.45
N GLY A 489 -5.21 -9.84 -27.62
CA GLY A 489 -5.66 -10.53 -26.43
C GLY A 489 -5.32 -9.93 -25.08
N VAL A 490 -4.73 -8.74 -25.02
CA VAL A 490 -4.81 -7.98 -23.78
C VAL A 490 -6.22 -7.44 -23.62
N THR A 491 -6.84 -7.70 -22.46
CA THR A 491 -8.26 -7.44 -22.33
C THR A 491 -8.63 -6.28 -21.41
N HIS A 492 -7.75 -5.91 -20.47
CA HIS A 492 -8.05 -4.91 -19.45
C HIS A 492 -6.88 -3.96 -19.31
N ILE A 493 -7.15 -2.66 -19.28
CA ILE A 493 -6.21 -1.67 -18.78
C ILE A 493 -6.47 -1.51 -17.28
N GLU A 494 -5.42 -1.59 -16.48
CA GLU A 494 -5.51 -1.25 -15.07
C GLU A 494 -4.75 0.04 -14.85
N LEU A 495 -5.42 1.02 -14.24
CA LEU A 495 -4.87 2.37 -14.08
C LEU A 495 -4.34 2.57 -12.67
N LEU A 496 -3.05 2.90 -12.57
CA LEU A 496 -2.52 3.40 -11.31
C LEU A 496 -3.29 4.66 -10.89
N PRO A 497 -3.27 5.00 -9.58
CA PRO A 497 -4.18 6.01 -9.02
C PRO A 497 -4.65 7.13 -9.95
N VAL A 498 -5.92 7.11 -10.33
CA VAL A 498 -6.49 8.25 -11.03
C VAL A 498 -7.60 8.91 -10.21
N PHE A 499 -7.80 8.48 -8.96
CA PHE A 499 -8.52 9.30 -7.99
C PHE A 499 -7.65 10.48 -7.62
N ASP A 500 -8.18 11.39 -6.80
CA ASP A 500 -7.44 12.60 -6.44
C ASP A 500 -6.31 12.27 -5.49
N LEU A 501 -5.08 12.31 -5.99
CA LEU A 501 -3.88 12.11 -5.20
C LEU A 501 -3.34 13.45 -4.71
N ALA A 502 -2.51 13.39 -3.67
CA ALA A 502 -2.03 14.60 -3.02
C ALA A 502 -0.67 15.09 -3.53
N THR A 503 0.15 14.22 -4.12
CA THR A 503 1.60 14.43 -4.23
C THR A 503 2.04 14.97 -5.60
N VAL A 504 1.14 15.56 -6.38
CA VAL A 504 1.50 16.36 -7.55
C VAL A 504 0.80 17.71 -7.38
N ASN A 505 1.55 18.79 -7.55
CA ASN A 505 0.93 20.11 -7.43
C ASN A 505 0.15 20.38 -8.70
N GLU A 506 -1.15 20.63 -8.55
CA GLU A 506 -2.00 20.80 -9.72
C GLU A 506 -1.96 22.22 -10.27
N PHE A 507 -1.29 23.16 -9.59
CA PHE A 507 -1.01 24.49 -10.13
C PHE A 507 0.19 24.39 -11.06
N SER A 508 -0.03 24.52 -12.37
CA SER A 508 1.02 24.21 -13.34
C SER A 508 2.18 25.20 -13.23
N ASP A 509 1.90 26.43 -12.78
CA ASP A 509 2.96 27.42 -12.58
C ASP A 509 3.98 26.96 -11.56
N LYS A 510 3.60 26.06 -10.65
CA LYS A 510 4.51 25.54 -9.63
C LYS A 510 5.19 24.24 -10.04
N VAL A 511 5.05 23.80 -11.29
CA VAL A 511 5.55 22.51 -11.74
C VAL A 511 6.55 22.74 -12.86
N ALA A 512 7.61 21.93 -12.90
CA ALA A 512 8.52 21.89 -14.04
C ALA A 512 8.78 20.44 -14.42
N ASP A 513 8.65 20.13 -15.70
CA ASP A 513 8.83 18.78 -16.20
C ASP A 513 10.01 18.72 -17.14
N ILE A 514 10.61 17.53 -17.27
CA ILE A 514 11.93 17.45 -17.88
C ILE A 514 11.92 17.90 -19.33
N GLN A 515 10.75 17.94 -19.97
CA GLN A 515 10.70 18.40 -21.35
C GLN A 515 10.76 19.92 -21.47
N GLN A 516 10.81 20.64 -20.35
CA GLN A 516 10.80 22.09 -20.30
C GLN A 516 12.19 22.63 -19.98
N PRO A 517 12.42 23.94 -20.17
CA PRO A 517 13.75 24.51 -19.94
C PRO A 517 14.27 24.25 -18.53
N PHE A 518 15.59 24.06 -18.44
CA PHE A 518 16.21 23.91 -17.13
C PHE A 518 16.02 25.17 -16.30
N SER A 519 15.96 26.33 -16.97
CA SER A 519 15.69 27.57 -16.26
C SER A 519 14.34 27.52 -15.55
N ARG A 520 13.33 26.89 -16.18
CA ARG A 520 12.05 26.72 -15.49
C ARG A 520 12.20 25.89 -14.22
N LEU A 521 12.97 24.79 -14.29
CA LEU A 521 13.25 24.01 -13.09
C LEU A 521 13.86 24.88 -12.00
N CYS A 522 14.81 25.75 -12.35
CA CYS A 522 15.41 26.63 -11.35
C CYS A 522 14.38 27.56 -10.73
N GLU A 523 13.49 28.13 -11.56
CA GLU A 523 12.48 29.08 -11.09
C GLU A 523 11.57 28.44 -10.03
N VAL A 524 11.16 27.18 -10.24
CA VAL A 524 10.17 26.58 -9.36
C VAL A 524 10.79 25.74 -8.25
N ASN A 525 12.07 25.39 -8.34
CA ASN A 525 12.70 24.53 -7.35
C ASN A 525 13.92 25.26 -6.81
N SER A 526 13.76 25.92 -5.65
CA SER A 526 14.84 26.73 -5.13
C SER A 526 16.02 25.91 -4.62
N ALA A 527 15.88 24.60 -4.49
CA ALA A 527 17.03 23.78 -4.10
C ALA A 527 18.04 23.65 -5.24
N VAL A 528 17.58 23.75 -6.49
CA VAL A 528 18.48 23.60 -7.63
C VAL A 528 19.53 24.68 -7.63
N LYS A 529 19.16 25.89 -7.20
CA LYS A 529 20.06 27.03 -7.14
C LYS A 529 21.33 26.73 -6.35
N SER A 530 21.18 26.03 -5.22
CA SER A 530 22.31 25.67 -4.37
C SER A 530 22.78 24.23 -4.57
N SER A 531 22.39 23.62 -5.68
CA SER A 531 22.82 22.27 -6.02
C SER A 531 24.04 22.31 -6.91
N GLU A 532 24.71 21.16 -7.03
CA GLU A 532 25.87 21.04 -7.89
C GLU A 532 25.50 21.17 -9.36
N PHE A 533 24.21 21.37 -9.65
CA PHE A 533 23.75 21.58 -11.03
C PHE A 533 23.34 23.03 -11.28
N ALA A 534 23.67 23.94 -10.36
CA ALA A 534 23.25 25.34 -10.48
C ALA A 534 23.61 25.95 -11.83
N GLY A 535 24.78 25.60 -12.37
CA GLY A 535 25.24 26.24 -13.60
C GLY A 535 24.33 26.03 -14.78
N TYR A 536 23.49 24.99 -14.74
CA TYR A 536 22.61 24.76 -15.88
C TYR A 536 21.42 25.70 -15.90
N CYS A 537 21.22 26.52 -14.86
CA CYS A 537 20.11 27.46 -14.88
C CYS A 537 20.19 28.41 -16.07
N ASP A 538 21.40 28.71 -16.55
CA ASP A 538 21.63 29.58 -17.69
C ASP A 538 21.86 28.82 -18.98
N SER A 539 21.70 27.49 -18.96
CA SER A 539 22.22 26.68 -20.05
C SER A 539 21.45 26.90 -21.35
N GLY A 540 20.20 27.31 -21.27
CA GLY A 540 19.36 27.36 -22.45
C GLY A 540 18.86 26.01 -22.94
N SER A 541 19.21 24.92 -22.28
CA SER A 541 18.76 23.58 -22.67
C SER A 541 17.69 23.08 -21.68
N THR A 542 16.99 22.03 -22.09
CA THR A 542 15.96 21.41 -21.25
C THR A 542 16.58 20.52 -20.18
N VAL A 543 15.78 20.20 -19.15
CA VAL A 543 16.25 19.27 -18.13
C VAL A 543 16.56 17.91 -18.75
N GLU A 544 15.70 17.47 -19.67
CA GLU A 544 15.93 16.22 -20.38
C GLU A 544 17.28 16.23 -21.12
N GLU A 545 17.58 17.34 -21.81
CA GLU A 545 18.86 17.45 -22.50
C GLU A 545 20.01 17.36 -21.51
N VAL A 546 19.84 17.95 -20.33
CA VAL A 546 20.89 17.87 -19.33
C VAL A 546 21.03 16.45 -18.82
N LEU A 547 19.90 15.80 -18.51
CA LEU A 547 19.98 14.43 -18.00
C LEU A 547 20.65 13.52 -19.02
N THR A 548 20.31 13.66 -20.31
CA THR A 548 21.00 12.91 -21.35
C THR A 548 22.50 13.19 -21.30
N GLN A 549 22.89 14.48 -21.25
CA GLN A 549 24.30 14.84 -21.17
C GLN A 549 24.97 14.20 -19.97
N LEU A 550 24.26 14.13 -18.84
CA LEU A 550 24.81 13.52 -17.63
C LEU A 550 25.02 12.02 -17.75
N LYS A 551 24.47 11.38 -18.78
CA LYS A 551 24.64 9.93 -18.90
C LYS A 551 26.10 9.54 -19.11
N GLN A 552 26.87 10.37 -19.83
CA GLN A 552 28.21 9.99 -20.28
C GLN A 552 29.12 9.60 -19.11
N ASN A 553 29.17 10.44 -18.07
CA ASN A 553 30.08 10.20 -16.96
C ASN A 553 29.38 9.59 -15.75
N ASP A 554 28.18 9.06 -15.93
CA ASP A 554 27.41 8.56 -14.79
C ASP A 554 27.90 7.17 -14.39
N SER A 555 28.17 6.99 -13.11
CA SER A 555 28.73 5.72 -12.67
C SER A 555 28.39 5.53 -11.20
N LYS A 556 28.64 4.32 -10.71
CA LYS A 556 28.45 4.02 -9.30
C LYS A 556 29.23 4.97 -8.40
N ASP A 557 30.27 5.60 -8.93
CA ASP A 557 31.05 6.58 -8.19
C ASP A 557 30.61 8.01 -8.45
N ASN A 558 30.11 8.29 -9.66
CA ASN A 558 29.55 9.59 -10.03
C ASN A 558 28.10 9.41 -10.47
N PRO A 559 27.10 9.11 -9.43
CA PRO A 559 25.66 8.93 -9.77
C PRO A 559 24.95 10.26 -10.03
N GLN A 560 25.38 10.95 -11.07
CA GLN A 560 24.94 12.32 -11.29
C GLN A 560 23.55 12.41 -11.93
N VAL A 561 23.16 11.43 -12.76
CA VAL A 561 21.82 11.44 -13.35
C VAL A 561 20.77 11.37 -12.26
N GLN A 562 20.93 10.42 -11.36
CA GLN A 562 20.04 10.30 -10.21
C GLN A 562 20.10 11.53 -9.31
N ALA A 563 21.27 12.19 -9.24
CA ALA A 563 21.37 13.36 -8.37
C ALA A 563 20.49 14.50 -8.86
N LEU A 564 20.59 14.85 -10.14
CA LEU A 564 19.69 15.87 -10.68
C LEU A 564 18.24 15.42 -10.57
N ASN A 565 17.98 14.12 -10.79
CA ASN A 565 16.60 13.68 -10.92
C ASN A 565 15.87 13.73 -9.57
N THR A 566 16.61 13.57 -8.47
CA THR A 566 16.02 13.68 -7.14
C THR A 566 15.49 15.08 -6.88
N LEU A 567 16.12 16.09 -7.46
CA LEU A 567 15.59 17.46 -7.38
C LEU A 567 14.39 17.63 -8.30
N VAL A 568 14.53 17.16 -9.56
CA VAL A 568 13.41 17.12 -10.48
C VAL A 568 12.18 16.52 -9.83
N ALA A 569 12.38 15.43 -9.08
CA ALA A 569 11.25 14.68 -8.55
C ALA A 569 10.42 15.50 -7.57
N GLN A 570 11.01 16.52 -6.95
CA GLN A 570 10.29 17.30 -5.93
C GLN A 570 9.22 18.18 -6.55
N THR A 571 9.40 18.59 -7.81
CA THR A 571 8.52 19.60 -8.39
C THR A 571 8.04 19.22 -9.80
N ASP A 572 8.15 17.94 -10.18
CA ASP A 572 7.62 17.55 -11.49
C ASP A 572 6.16 17.10 -11.36
N SER A 573 5.60 16.66 -12.48
CA SER A 573 4.22 16.20 -12.51
C SER A 573 4.07 14.73 -12.15
N TYR A 574 5.15 14.06 -11.69
CA TYR A 574 5.19 12.61 -11.65
C TYR A 574 5.00 12.07 -10.24
N ASN A 575 4.07 11.12 -10.10
CA ASN A 575 3.99 10.23 -8.95
C ASN A 575 3.06 9.06 -9.28
N TRP A 576 3.38 7.86 -8.76
CA TRP A 576 2.40 6.77 -8.82
C TRP A 576 1.06 7.21 -8.26
N GLY A 577 1.08 8.01 -7.19
CA GLY A 577 -0.13 8.57 -6.63
C GLY A 577 -0.82 7.74 -5.56
N TYR A 578 -0.10 6.85 -4.87
CA TYR A 578 -0.71 6.08 -3.79
C TYR A 578 -0.86 6.94 -2.54
N ASP A 579 -1.46 8.13 -2.72
CA ASP A 579 -1.44 9.22 -1.74
C ASP A 579 -2.81 9.91 -1.72
N PRO A 580 -3.81 9.27 -1.14
CA PRO A 580 -5.20 9.74 -1.33
C PRO A 580 -5.47 11.09 -0.67
N PHE A 581 -5.97 12.02 -1.47
CA PHE A 581 -6.51 13.30 -0.99
C PHE A 581 -8.03 13.25 -0.91
N HIS A 582 -8.70 12.97 -2.04
CA HIS A 582 -10.13 12.70 -2.08
C HIS A 582 -10.41 11.44 -2.86
N TYR A 583 -11.25 10.56 -2.30
CA TYR A 583 -11.38 9.20 -2.82
C TYR A 583 -12.28 9.11 -4.03
N THR A 584 -13.11 10.12 -4.30
CA THR A 584 -14.17 9.93 -5.29
C THR A 584 -14.25 11.12 -6.22
N VAL A 585 -13.09 11.72 -6.51
CA VAL A 585 -12.92 12.74 -7.56
C VAL A 585 -11.77 12.28 -8.44
N PRO A 586 -11.80 12.46 -9.75
CA PRO A 586 -10.61 12.18 -10.56
C PRO A 586 -9.45 13.09 -10.18
N GLU A 587 -8.24 12.60 -10.44
CA GLU A 587 -7.03 13.41 -10.28
C GLU A 587 -7.07 14.62 -11.21
N GLY A 588 -6.62 15.79 -10.71
CA GLY A 588 -6.67 17.01 -11.48
C GLY A 588 -5.52 17.24 -12.45
N SER A 589 -4.29 16.83 -12.07
CA SER A 589 -3.13 17.09 -12.92
C SER A 589 -3.21 16.33 -14.24
N TYR A 590 -4.01 15.27 -14.30
CA TYR A 590 -4.18 14.49 -15.53
C TYR A 590 -5.23 15.09 -16.46
N ALA A 591 -5.90 16.15 -16.04
CA ALA A 591 -6.84 16.88 -16.88
C ALA A 591 -6.11 18.05 -17.55
N THR A 592 -6.60 18.45 -18.75
CA THR A 592 -6.07 19.67 -19.36
C THR A 592 -6.41 20.89 -18.51
N ASP A 593 -7.51 20.83 -17.79
CA ASP A 593 -7.98 21.93 -16.93
C ASP A 593 -8.37 21.39 -15.56
N PRO A 594 -7.57 21.64 -14.52
CA PRO A 594 -7.87 21.08 -13.19
C PRO A 594 -8.84 21.92 -12.36
N GLU A 595 -9.42 22.97 -12.91
CA GLU A 595 -10.27 23.89 -12.16
C GLU A 595 -11.73 23.54 -12.41
N GLY A 596 -12.37 22.90 -11.43
CA GLY A 596 -13.77 22.56 -11.61
C GLY A 596 -14.01 21.25 -12.33
N THR A 597 -15.14 21.17 -13.05
CA THR A 597 -15.69 19.90 -13.50
C THR A 597 -15.05 19.35 -14.75
N ALA A 598 -14.14 20.10 -15.38
CA ALA A 598 -13.57 19.67 -16.65
C ALA A 598 -13.00 18.25 -16.58
N ARG A 599 -12.30 17.93 -15.49
CA ARG A 599 -11.66 16.62 -15.38
C ARG A 599 -12.68 15.50 -15.44
N ILE A 600 -13.91 15.74 -15.00
CA ILE A 600 -14.91 14.67 -14.97
C ILE A 600 -15.21 14.19 -16.38
N LYS A 601 -15.49 15.14 -17.30
CA LYS A 601 -15.77 14.74 -18.67
C LYS A 601 -14.54 14.17 -19.36
N GLU A 602 -13.34 14.71 -19.07
CA GLU A 602 -12.14 14.17 -19.69
C GLU A 602 -11.86 12.74 -19.23
N PHE A 603 -12.01 12.48 -17.92
CA PHE A 603 -11.90 11.10 -17.42
C PHE A 603 -12.84 10.17 -18.17
N ARG A 604 -14.12 10.55 -18.29
CA ARG A 604 -15.07 9.68 -18.98
C ARG A 604 -14.72 9.54 -20.47
N THR A 605 -14.24 10.62 -21.10
CA THR A 605 -13.84 10.51 -22.50
C THR A 605 -12.72 9.48 -22.68
N MET A 606 -11.79 9.43 -21.72
CA MET A 606 -10.75 8.40 -21.71
C MET A 606 -11.35 7.01 -21.51
N ILE A 607 -12.17 6.84 -20.46
CA ILE A 607 -12.81 5.55 -20.19
C ILE A 607 -13.54 5.06 -21.44
N GLN A 608 -14.28 5.97 -22.08
CA GLN A 608 -14.98 5.58 -23.28
C GLN A 608 -14.02 5.19 -24.39
N ALA A 609 -12.90 5.91 -24.54
CA ALA A 609 -11.93 5.57 -25.57
C ALA A 609 -11.32 4.19 -25.34
N ILE A 610 -11.00 3.87 -24.08
CA ILE A 610 -10.40 2.56 -23.82
C ILE A 610 -11.39 1.45 -24.19
N LYS A 611 -12.65 1.58 -23.78
CA LYS A 611 -13.62 0.53 -24.06
C LYS A 611 -13.98 0.50 -25.54
N GLN A 612 -14.14 1.68 -26.16
CA GLN A 612 -14.71 1.81 -27.50
C GLN A 612 -13.66 1.86 -28.60
N ASP A 613 -12.58 2.62 -28.44
N ASP A 613 -12.60 2.66 -28.42
CA ASP A 613 -11.56 2.60 -29.49
CA ASP A 613 -11.51 2.74 -29.39
C ASP A 613 -10.52 1.51 -29.26
C ASP A 613 -10.54 1.56 -29.25
N LEU A 614 -10.21 1.17 -28.01
CA LEU A 614 -9.20 0.15 -27.77
C LEU A 614 -9.78 -1.23 -27.49
N GLY A 615 -11.05 -1.33 -27.10
CA GLY A 615 -11.66 -2.62 -26.85
C GLY A 615 -11.31 -3.28 -25.54
N MET A 616 -10.92 -2.51 -24.53
CA MET A 616 -10.51 -3.10 -23.26
C MET A 616 -11.41 -2.64 -22.13
N ASN A 617 -11.58 -3.53 -21.15
CA ASN A 617 -12.19 -3.14 -19.89
C ASN A 617 -11.18 -2.34 -19.05
N VAL A 618 -11.67 -1.73 -17.98
CA VAL A 618 -10.85 -0.83 -17.18
C VAL A 618 -10.96 -1.25 -15.72
N ILE A 619 -9.80 -1.41 -15.08
CA ILE A 619 -9.69 -1.62 -13.63
C ILE A 619 -9.02 -0.39 -13.03
N MET A 620 -9.55 0.10 -11.90
CA MET A 620 -8.90 1.16 -11.13
C MET A 620 -8.17 0.58 -9.92
N ASP A 621 -6.93 1.02 -9.71
CA ASP A 621 -6.31 0.91 -8.40
C ASP A 621 -7.00 1.84 -7.41
N VAL A 622 -7.37 1.31 -6.25
CA VAL A 622 -7.93 2.15 -5.19
C VAL A 622 -7.15 1.89 -3.92
N VAL A 623 -7.08 2.94 -3.09
CA VAL A 623 -6.18 2.99 -1.95
C VAL A 623 -6.92 3.43 -0.69
N TYR A 624 -7.89 2.64 -0.25
CA TYR A 624 -8.68 2.97 0.93
C TYR A 624 -8.00 2.59 2.25
N ASN A 625 -6.82 1.98 2.18
CA ASN A 625 -6.13 1.49 3.37
C ASN A 625 -5.37 2.58 4.10
N HIS A 626 -5.20 3.76 3.51
CA HIS A 626 -4.57 4.83 4.23
C HIS A 626 -5.04 6.15 3.63
N THR A 627 -4.86 7.21 4.41
CA THR A 627 -5.02 8.58 3.96
C THR A 627 -3.63 9.17 3.79
N ASN A 628 -3.57 10.33 3.10
CA ASN A 628 -2.28 10.93 2.87
C ASN A 628 -1.73 11.56 4.15
N ALA A 629 -2.61 12.00 5.04
CA ALA A 629 -2.18 12.71 6.23
C ALA A 629 -3.33 12.71 7.24
N ALA A 630 -3.01 13.08 8.47
CA ALA A 630 -3.99 13.10 9.53
C ALA A 630 -3.65 14.24 10.46
N GLY A 631 -4.41 14.36 11.54
CA GLY A 631 -4.17 15.42 12.49
C GLY A 631 -4.86 16.70 12.08
N PRO A 632 -4.76 17.72 12.92
CA PRO A 632 -5.54 18.95 12.74
C PRO A 632 -4.89 20.04 11.90
N THR A 633 -3.67 19.87 11.39
CA THR A 633 -3.02 20.98 10.70
C THR A 633 -2.63 20.67 9.24
N ASP A 634 -2.33 19.43 8.90
CA ASP A 634 -1.78 19.15 7.56
C ASP A 634 -2.80 19.46 6.47
N ARG A 635 -2.29 19.98 5.35
CA ARG A 635 -3.16 20.39 4.24
C ARG A 635 -4.04 19.24 3.75
N THR A 636 -3.53 18.00 3.76
CA THR A 636 -4.26 16.90 3.13
C THR A 636 -4.96 16.00 4.13
N SER A 637 -5.04 16.41 5.39
CA SER A 637 -5.86 15.75 6.39
C SER A 637 -7.30 16.23 6.21
N VAL A 638 -8.15 15.37 5.66
CA VAL A 638 -9.54 15.68 5.44
C VAL A 638 -10.41 14.94 6.44
N LEU A 639 -10.41 13.60 6.37
CA LEU A 639 -11.20 12.78 7.26
C LEU A 639 -10.90 13.06 8.72
N ASP A 640 -9.62 13.20 9.08
CA ASP A 640 -9.24 13.33 10.48
C ASP A 640 -9.38 14.76 11.01
N LYS A 641 -9.69 15.72 10.15
CA LYS A 641 -10.07 17.04 10.67
C LYS A 641 -11.55 17.06 11.03
N ILE A 642 -12.38 16.32 10.29
CA ILE A 642 -13.82 16.38 10.45
C ILE A 642 -14.28 15.48 11.60
N VAL A 643 -13.87 14.21 11.60
CA VAL A 643 -14.18 13.33 12.72
C VAL A 643 -12.88 12.83 13.31
N PRO A 644 -12.20 13.61 14.15
CA PRO A 644 -10.87 13.22 14.62
C PRO A 644 -10.86 11.86 15.28
N TRP A 645 -9.82 11.07 14.99
CA TRP A 645 -9.53 9.76 15.59
C TRP A 645 -10.58 8.71 15.28
N TYR A 646 -11.43 8.93 14.28
CA TYR A 646 -12.38 7.90 13.90
C TYR A 646 -11.97 7.14 12.65
N TYR A 647 -11.51 7.85 11.62
CA TYR A 647 -11.21 7.23 10.35
C TYR A 647 -9.81 6.62 10.27
N GLN A 648 -8.93 6.91 11.23
CA GLN A 648 -7.57 6.39 11.22
C GLN A 648 -7.45 5.28 12.26
N ARG A 649 -6.64 4.26 11.93
CA ARG A 649 -6.30 3.26 12.93
C ARG A 649 -5.24 3.82 13.86
N LEU A 650 -5.46 3.66 15.17
CA LEU A 650 -4.59 4.22 16.19
C LEU A 650 -3.93 3.09 16.97
N ASN A 651 -2.72 3.37 17.47
CA ASN A 651 -2.07 2.51 18.46
C ASN A 651 -2.92 2.46 19.74
N GLU A 652 -3.10 1.25 20.27
CA GLU A 652 -4.03 1.03 21.38
C GLU A 652 -3.64 1.75 22.64
N THR A 653 -2.37 2.14 22.80
CA THR A 653 -1.97 2.80 24.03
C THR A 653 -1.57 4.26 23.85
N THR A 654 -1.06 4.66 22.68
CA THR A 654 -0.66 6.06 22.49
C THR A 654 -1.70 6.89 21.74
N GLY A 655 -2.63 6.25 21.04
CA GLY A 655 -3.53 6.96 20.15
C GLY A 655 -2.87 7.60 18.93
N SER A 656 -1.61 7.27 18.65
CA SER A 656 -0.96 7.80 17.47
C SER A 656 -1.47 7.07 16.24
N VAL A 657 -1.60 7.82 15.15
CA VAL A 657 -2.01 7.21 13.88
C VAL A 657 -0.92 6.26 13.42
N GLU A 658 -1.29 5.02 13.15
CA GLU A 658 -0.30 4.04 12.72
C GLU A 658 0.11 4.30 11.27
N SER A 659 1.27 3.76 10.90
CA SER A 659 1.85 3.99 9.57
C SER A 659 2.35 2.70 8.92
N ALA A 660 1.80 1.55 9.29
CA ALA A 660 2.27 0.30 8.70
C ALA A 660 2.04 0.23 7.20
N THR A 661 1.11 1.03 6.66
CA THR A 661 0.90 1.03 5.22
C THR A 661 1.96 1.81 4.48
N CYS A 662 2.60 2.78 5.16
CA CYS A 662 3.56 3.77 4.67
C CYS A 662 3.24 5.10 5.34
N CYS A 663 1.96 5.31 5.62
CA CYS A 663 1.43 6.67 5.69
C CYS A 663 0.52 6.86 6.91
N SER A 664 -0.73 7.27 6.70
CA SER A 664 -1.70 7.42 7.79
C SER A 664 -2.74 6.32 7.67
N ASP A 665 -2.55 5.25 8.45
CA ASP A 665 -3.38 4.06 8.31
C ASP A 665 -4.84 4.39 8.57
N SER A 666 -5.72 3.84 7.74
CA SER A 666 -7.15 4.06 7.87
C SER A 666 -7.80 2.91 8.65
N ALA A 667 -9.08 3.07 8.96
CA ALA A 667 -9.81 2.12 9.81
C ALA A 667 -11.05 1.63 9.09
N PRO A 668 -10.89 0.77 8.07
CA PRO A 668 -12.06 0.22 7.38
C PRO A 668 -12.91 -0.67 8.27
N GLU A 669 -12.42 -1.06 9.45
CA GLU A 669 -13.25 -1.79 10.39
C GLU A 669 -14.28 -0.88 11.07
N HIS A 670 -14.11 0.44 10.99
CA HIS A 670 -15.11 1.35 11.55
C HIS A 670 -16.25 1.58 10.56
N ARG A 671 -17.48 1.62 11.09
CA ARG A 671 -18.66 1.43 10.26
C ARG A 671 -18.84 2.54 9.22
N MET A 672 -18.60 3.80 9.60
CA MET A 672 -18.83 4.88 8.66
C MET A 672 -17.69 5.02 7.65
N PHE A 673 -16.51 4.46 7.93
CA PHE A 673 -15.50 4.45 6.86
C PHE A 673 -15.79 3.30 5.89
N ALA A 674 -16.20 2.14 6.42
CA ALA A 674 -16.74 1.11 5.55
C ALA A 674 -17.82 1.66 4.63
N LYS A 675 -18.71 2.51 5.16
CA LYS A 675 -19.74 3.07 4.30
C LYS A 675 -19.15 4.01 3.26
N LEU A 676 -18.24 4.89 3.67
CA LEU A 676 -17.59 5.79 2.72
C LEU A 676 -16.94 4.99 1.60
N ILE A 677 -16.23 3.91 1.93
CA ILE A 677 -15.60 3.07 0.91
C ILE A 677 -16.65 2.53 -0.05
N ALA A 678 -17.73 1.95 0.50
CA ALA A 678 -18.74 1.37 -0.38
C ALA A 678 -19.39 2.44 -1.24
N ASP A 679 -19.74 3.59 -0.65
CA ASP A 679 -20.36 4.67 -1.43
C ASP A 679 -19.43 5.18 -2.52
N SER A 680 -18.13 5.25 -2.20
CA SER A 680 -17.16 5.73 -3.18
C SER A 680 -17.07 4.77 -4.36
N LEU A 681 -16.97 3.46 -4.08
CA LEU A 681 -16.95 2.48 -5.15
C LEU A 681 -18.22 2.53 -5.98
N ALA A 682 -19.35 2.83 -5.34
CA ALA A 682 -20.61 2.95 -6.08
C ALA A 682 -20.51 4.02 -7.17
N VAL A 683 -19.85 5.15 -6.88
CA VAL A 683 -19.76 6.23 -7.87
C VAL A 683 -18.81 5.83 -9.00
N TRP A 684 -17.64 5.28 -8.64
CA TRP A 684 -16.74 4.80 -9.67
C TRP A 684 -17.42 3.75 -10.55
N THR A 685 -18.23 2.85 -9.94
CA THR A 685 -18.91 1.82 -10.72
C THR A 685 -20.00 2.41 -11.62
N THR A 686 -20.93 3.15 -11.03
CA THR A 686 -22.07 3.64 -11.79
C THR A 686 -21.73 4.86 -12.63
N ASP A 687 -21.06 5.84 -12.03
CA ASP A 687 -20.88 7.13 -12.70
C ASP A 687 -19.65 7.15 -13.60
N TYR A 688 -18.68 6.27 -13.37
CA TYR A 688 -17.50 6.20 -14.23
C TYR A 688 -17.36 4.87 -14.95
N LYS A 689 -18.27 3.93 -14.72
CA LYS A 689 -18.33 2.69 -15.49
C LYS A 689 -17.03 1.90 -15.38
N ILE A 690 -16.46 1.86 -14.18
CA ILE A 690 -15.27 1.05 -13.90
C ILE A 690 -15.66 -0.43 -13.79
N ASP A 691 -14.90 -1.30 -14.45
CA ASP A 691 -15.24 -2.72 -14.54
C ASP A 691 -14.71 -3.54 -13.38
N GLY A 692 -13.66 -3.07 -12.71
CA GLY A 692 -13.12 -3.81 -11.60
C GLY A 692 -12.20 -2.93 -10.80
N PHE A 693 -11.91 -3.37 -9.58
CA PHE A 693 -11.11 -2.60 -8.65
C PHE A 693 -10.01 -3.47 -8.06
N ARG A 694 -8.81 -2.91 -8.00
CA ARG A 694 -7.70 -3.55 -7.32
C ARG A 694 -7.45 -2.81 -6.02
N PHE A 695 -7.62 -3.49 -4.90
CA PHE A 695 -7.41 -2.85 -3.60
C PHE A 695 -5.95 -2.90 -3.21
N ASP A 696 -5.36 -1.73 -3.06
CA ASP A 696 -4.02 -1.58 -2.53
C ASP A 696 -3.99 -2.03 -1.08
N LEU A 697 -3.04 -2.90 -0.74
CA LEU A 697 -2.88 -3.40 0.63
C LEU A 697 -4.24 -3.82 1.22
N MET A 698 -4.96 -4.64 0.45
CA MET A 698 -6.27 -5.14 0.89
C MET A 698 -6.18 -5.86 2.23
N LEU A 699 -5.02 -6.43 2.55
CA LEU A 699 -4.80 -7.14 3.81
C LEU A 699 -5.03 -6.26 5.05
N TYR A 700 -5.03 -4.93 4.93
CA TYR A 700 -5.26 -4.07 6.09
C TYR A 700 -6.74 -3.81 6.37
N HIS A 701 -7.67 -4.35 5.53
CA HIS A 701 -9.12 -4.38 5.46
C HIS A 701 -9.67 -5.67 6.07
N PRO A 702 -10.74 -5.59 6.86
CA PRO A 702 -11.40 -6.82 7.29
C PRO A 702 -11.98 -7.54 6.10
N LYS A 703 -11.84 -8.88 6.12
CA LYS A 703 -12.52 -9.71 5.14
C LYS A 703 -14.00 -9.37 5.05
N ALA A 704 -14.65 -9.19 6.21
CA ALA A 704 -16.08 -8.93 6.21
C ALA A 704 -16.41 -7.63 5.47
N GLN A 705 -15.58 -6.60 5.67
CA GLN A 705 -15.81 -5.31 5.02
C GLN A 705 -15.61 -5.40 3.50
N ILE A 706 -14.58 -6.13 3.04
CA ILE A 706 -14.40 -6.31 1.60
C ILE A 706 -15.60 -7.05 1.00
N LEU A 707 -16.02 -8.16 1.61
CA LEU A 707 -17.19 -8.87 1.09
C LEU A 707 -18.45 -8.00 1.13
N SER A 708 -18.62 -7.23 2.21
CA SER A 708 -19.74 -6.30 2.30
C SER A 708 -19.74 -5.34 1.11
N ALA A 709 -18.66 -4.58 0.94
CA ALA A 709 -18.51 -3.72 -0.23
C ALA A 709 -18.79 -4.46 -1.53
N TRP A 710 -18.34 -5.71 -1.64
CA TRP A 710 -18.54 -6.42 -2.90
C TRP A 710 -20.02 -6.69 -3.15
N GLU A 711 -20.75 -7.13 -2.12
CA GLU A 711 -22.17 -7.40 -2.31
C GLU A 711 -22.91 -6.12 -2.65
N ARG A 712 -22.53 -5.01 -2.00
CA ARG A 712 -23.09 -3.73 -2.35
C ARG A 712 -22.86 -3.39 -3.82
N ILE A 713 -21.61 -3.53 -4.30
CA ILE A 713 -21.33 -3.17 -5.68
C ILE A 713 -21.97 -4.16 -6.65
N LYS A 714 -22.06 -5.43 -6.25
CA LYS A 714 -22.67 -6.41 -7.16
C LYS A 714 -24.15 -6.14 -7.37
N ALA A 715 -24.84 -5.55 -6.37
CA ALA A 715 -26.22 -5.15 -6.56
C ALA A 715 -26.36 -4.01 -7.57
N LEU A 716 -25.31 -3.22 -7.77
CA LEU A 716 -25.30 -2.26 -8.88
C LEU A 716 -24.99 -2.93 -10.20
N ASN A 717 -23.87 -3.68 -10.24
CA ASN A 717 -23.44 -4.40 -11.43
C ASN A 717 -22.93 -5.76 -10.98
N PRO A 718 -23.59 -6.84 -11.38
CA PRO A 718 -23.23 -8.15 -10.82
C PRO A 718 -21.86 -8.62 -11.28
N ASP A 719 -21.36 -8.09 -12.39
CA ASP A 719 -20.14 -8.55 -13.03
C ASP A 719 -18.88 -7.79 -12.58
N ILE A 720 -18.98 -6.90 -11.60
CA ILE A 720 -17.80 -6.19 -11.11
C ILE A 720 -16.85 -7.17 -10.43
N TYR A 721 -15.55 -7.02 -10.68
CA TYR A 721 -14.51 -7.90 -10.12
C TYR A 721 -13.67 -7.14 -9.12
N PHE A 722 -13.49 -7.72 -7.93
CA PHE A 722 -12.64 -7.20 -6.87
C PHE A 722 -11.40 -8.08 -6.76
N PHE A 723 -10.23 -7.46 -6.63
CA PHE A 723 -9.03 -8.19 -6.18
C PHE A 723 -8.10 -7.23 -5.48
N GLY A 724 -7.09 -7.75 -4.80
CA GLY A 724 -6.10 -6.88 -4.20
C GLY A 724 -4.83 -7.57 -3.76
N GLU A 725 -4.03 -6.83 -2.98
CA GLU A 725 -2.85 -7.35 -2.30
C GLU A 725 -3.30 -8.02 -1.00
N GLY A 726 -3.20 -9.34 -0.94
CA GLY A 726 -3.61 -10.04 0.26
C GLY A 726 -2.48 -10.66 1.07
N TRP A 727 -1.41 -9.90 1.31
CA TRP A 727 -0.29 -10.38 2.14
C TRP A 727 -0.74 -10.48 3.58
N ASP A 728 0.19 -10.31 4.52
CA ASP A 728 -0.14 -10.37 5.94
C ASP A 728 0.08 -9.01 6.58
N SER A 729 -1.01 -8.28 6.79
N SER A 729 -1.01 -8.35 6.99
CA SER A 729 -0.98 -7.15 7.70
CA SER A 729 -0.96 -6.97 7.51
C SER A 729 -0.83 -7.69 9.11
C SER A 729 -0.59 -6.85 8.97
N ASN A 730 -0.24 -6.89 9.97
N ASN A 730 -0.45 -7.96 9.71
CA ASN A 730 -0.08 -7.29 11.36
CA ASN A 730 -0.20 -7.97 11.15
C ASN A 730 -1.42 -7.28 12.09
C ASN A 730 -1.34 -7.32 11.95
N GLN A 731 -2.54 -7.33 11.37
CA GLN A 731 -3.79 -6.86 11.98
C GLN A 731 -4.73 -8.00 12.35
N SER A 732 -4.27 -9.26 12.31
CA SER A 732 -5.16 -10.38 12.60
C SER A 732 -5.69 -10.34 14.03
N ASP A 733 -4.98 -9.67 14.94
CA ASP A 733 -5.45 -9.53 16.31
C ASP A 733 -6.70 -8.66 16.43
N ARG A 734 -6.98 -7.79 15.44
CA ARG A 734 -8.13 -6.89 15.51
C ARG A 734 -9.35 -7.44 14.78
N PHE A 735 -9.14 -8.18 13.70
CA PHE A 735 -10.23 -8.73 12.89
C PHE A 735 -9.61 -9.77 11.97
N GLU A 736 -10.48 -10.50 11.28
CA GLU A 736 -10.02 -11.44 10.25
C GLU A 736 -9.67 -10.63 9.02
N ILE A 737 -8.38 -10.63 8.64
CA ILE A 737 -7.92 -9.78 7.55
C ILE A 737 -8.30 -10.40 6.21
N ALA A 738 -8.28 -9.54 5.17
CA ALA A 738 -8.65 -9.93 3.81
C ALA A 738 -7.38 -10.38 3.09
N SER A 739 -6.92 -11.58 3.43
CA SER A 739 -5.64 -12.12 2.98
C SER A 739 -5.86 -13.24 1.97
N GLN A 740 -4.77 -13.64 1.30
CA GLN A 740 -4.82 -14.78 0.38
C GLN A 740 -5.48 -15.98 1.04
N ILE A 741 -5.07 -16.27 2.27
CA ILE A 741 -5.57 -17.44 2.99
C ILE A 741 -7.06 -17.29 3.31
N ASN A 742 -7.44 -16.16 3.89
CA ASN A 742 -8.82 -16.01 4.37
C ASN A 742 -9.82 -15.83 3.24
N LEU A 743 -9.38 -15.48 2.04
CA LEU A 743 -10.31 -15.21 0.95
C LEU A 743 -10.59 -16.43 0.09
N LYS A 744 -10.07 -17.59 0.47
CA LYS A 744 -10.33 -18.80 -0.29
C LYS A 744 -11.83 -19.06 -0.40
N GLY A 745 -12.29 -19.25 -1.64
CA GLY A 745 -13.68 -19.54 -1.89
C GLY A 745 -14.56 -18.32 -2.06
N THR A 746 -14.10 -17.13 -1.66
CA THR A 746 -14.96 -15.96 -1.69
C THR A 746 -15.17 -15.38 -3.09
N GLY A 747 -14.34 -15.74 -4.06
CA GLY A 747 -14.36 -15.03 -5.33
C GLY A 747 -13.60 -13.71 -5.33
N ILE A 748 -13.02 -13.31 -4.21
CA ILE A 748 -12.20 -12.11 -4.15
C ILE A 748 -10.77 -12.49 -4.51
N GLY A 749 -10.23 -11.90 -5.61
CA GLY A 749 -8.91 -12.27 -6.09
C GLY A 749 -7.77 -11.68 -5.29
N THR A 750 -6.60 -12.34 -5.37
CA THR A 750 -5.38 -11.80 -4.77
C THR A 750 -4.19 -12.06 -5.69
N PHE A 751 -3.28 -11.08 -5.77
CA PHE A 751 -1.97 -11.33 -6.35
C PHE A 751 -1.33 -12.53 -5.66
N SER A 752 -0.92 -13.50 -6.46
CA SER A 752 -0.11 -14.60 -5.96
C SER A 752 1.36 -14.26 -6.15
N ASP A 753 2.11 -14.23 -5.05
CA ASP A 753 3.56 -14.07 -5.10
C ASP A 753 4.29 -15.39 -5.33
N ARG A 754 3.58 -16.51 -5.50
CA ARG A 754 4.21 -17.83 -5.64
C ARG A 754 4.89 -17.99 -7.01
N LEU A 755 4.11 -18.04 -8.10
CA LEU A 755 4.72 -18.14 -9.43
C LEU A 755 5.65 -16.96 -9.70
N ARG A 756 5.24 -15.76 -9.27
CA ARG A 756 6.05 -14.55 -9.38
C ARG A 756 7.48 -14.77 -8.94
N ASP A 757 7.69 -15.22 -7.70
CA ASP A 757 9.05 -15.35 -7.20
C ASP A 757 9.77 -16.54 -7.84
N ALA A 758 9.05 -17.63 -8.12
CA ALA A 758 9.66 -18.81 -8.74
C ALA A 758 10.21 -18.52 -10.13
N VAL A 759 9.50 -17.71 -10.91
CA VAL A 759 9.90 -17.41 -12.29
C VAL A 759 10.91 -16.27 -12.33
N ARG A 760 10.69 -15.22 -11.53
CA ARG A 760 11.63 -14.10 -11.49
C ARG A 760 12.92 -14.48 -10.80
N GLY A 761 12.84 -15.31 -9.76
CA GLY A 761 13.96 -15.59 -8.88
C GLY A 761 13.94 -14.70 -7.64
N GLY A 762 14.38 -15.21 -6.49
CA GLY A 762 14.57 -14.41 -5.29
C GLY A 762 13.28 -13.85 -4.69
N GLY A 763 13.39 -12.65 -4.11
CA GLY A 763 12.26 -11.97 -3.54
C GLY A 763 12.44 -10.46 -3.57
N PRO A 764 11.37 -9.71 -3.29
CA PRO A 764 11.44 -8.23 -3.39
C PRO A 764 12.42 -7.58 -2.43
N PHE A 765 12.84 -8.26 -1.36
CA PHE A 765 13.75 -7.66 -0.39
C PHE A 765 15.20 -8.13 -0.55
N ASP A 766 15.51 -8.86 -1.62
CA ASP A 766 16.90 -9.15 -1.95
C ASP A 766 17.66 -7.87 -2.22
N SER A 767 18.94 -7.85 -1.89
CA SER A 767 19.84 -6.78 -2.33
C SER A 767 21.26 -7.31 -2.46
N GLY A 768 22.10 -6.53 -3.15
CA GLY A 768 23.50 -6.90 -3.26
C GLY A 768 23.69 -8.11 -4.16
N ASP A 769 24.63 -8.98 -3.79
CA ASP A 769 24.89 -10.17 -4.59
C ASP A 769 23.68 -11.07 -4.72
N ALA A 770 22.82 -11.10 -3.70
CA ALA A 770 21.64 -11.96 -3.74
C ALA A 770 20.76 -11.68 -4.96
N LEU A 771 20.73 -10.42 -5.43
CA LEU A 771 19.96 -10.09 -6.62
C LEU A 771 20.40 -10.94 -7.81
N ARG A 772 21.70 -11.21 -7.94
CA ARG A 772 22.22 -12.06 -9.01
C ARG A 772 22.17 -13.55 -8.68
N GLN A 773 22.45 -13.91 -7.43
CA GLN A 773 22.51 -15.32 -7.06
C GLN A 773 21.16 -16.01 -7.19
N ASN A 774 20.08 -15.31 -6.87
CA ASN A 774 18.74 -15.89 -6.75
C ASN A 774 18.06 -15.89 -8.13
N GLN A 775 18.59 -16.76 -9.00
CA GLN A 775 18.01 -16.94 -10.33
C GLN A 775 16.64 -17.60 -10.24
N GLY A 776 15.79 -17.32 -11.22
CA GLY A 776 14.47 -17.92 -11.31
C GLY A 776 14.38 -18.88 -12.49
N VAL A 777 13.22 -19.52 -12.59
CA VAL A 777 12.97 -20.40 -13.71
C VAL A 777 13.13 -19.65 -15.03
N GLY A 778 12.68 -18.39 -15.07
CA GLY A 778 12.79 -17.61 -16.29
C GLY A 778 14.20 -17.22 -16.67
N SER A 779 15.13 -17.23 -15.71
CA SER A 779 16.51 -16.82 -15.96
C SER A 779 17.49 -17.97 -15.77
N GLY A 780 17.00 -19.21 -15.80
CA GLY A 780 17.84 -20.39 -15.89
C GLY A 780 18.37 -20.95 -14.58
N ALA A 781 17.60 -20.87 -13.49
CA ALA A 781 17.99 -21.52 -12.24
C ALA A 781 18.27 -22.99 -12.49
N GLY A 782 19.45 -23.44 -12.06
CA GLY A 782 19.86 -24.83 -12.14
C GLY A 782 20.14 -25.37 -13.52
N VAL A 783 20.07 -24.57 -14.58
CA VAL A 783 20.37 -25.10 -15.93
C VAL A 783 21.35 -24.18 -16.65
N LEU A 784 21.36 -22.90 -16.29
CA LEU A 784 22.28 -21.92 -16.87
C LEU A 784 22.78 -21.03 -15.75
N PRO A 785 23.55 -21.60 -14.82
CA PRO A 785 23.94 -20.83 -13.63
C PRO A 785 24.89 -19.71 -13.97
N ASN A 786 24.73 -18.59 -13.27
CA ASN A 786 25.70 -17.50 -13.37
C ASN A 786 26.87 -17.78 -12.41
N GLU A 787 27.85 -16.88 -12.42
CA GLU A 787 29.10 -17.12 -11.72
C GLU A 787 28.97 -17.01 -10.21
N LEU A 788 27.86 -16.46 -9.67
CA LEU A 788 27.76 -16.30 -8.22
C LEU A 788 26.86 -17.34 -7.56
N THR A 789 25.95 -17.95 -8.31
CA THR A 789 24.87 -18.67 -7.65
C THR A 789 25.31 -20.02 -7.10
N THR A 790 24.61 -20.45 -6.04
CA THR A 790 24.75 -21.79 -5.47
C THR A 790 23.43 -22.54 -5.50
N LEU A 791 22.46 -22.09 -6.29
CA LEU A 791 21.20 -22.80 -6.45
C LEU A 791 21.44 -24.28 -6.74
N SER A 792 20.85 -25.14 -5.92
CA SER A 792 20.94 -26.58 -6.14
C SER A 792 19.85 -27.05 -7.08
N ASP A 793 20.05 -28.26 -7.64
CA ASP A 793 19.02 -28.88 -8.47
C ASP A 793 17.69 -28.98 -7.73
N ASP A 794 17.75 -29.33 -6.45
CA ASP A 794 16.54 -29.46 -5.65
C ASP A 794 15.84 -28.12 -5.50
N GLN A 795 16.61 -27.06 -5.24
CA GLN A 795 16.04 -25.72 -5.19
C GLN A 795 15.38 -25.35 -6.51
N ALA A 796 16.04 -25.66 -7.64
CA ALA A 796 15.48 -25.37 -8.95
C ALA A 796 14.17 -26.12 -9.17
N ARG A 797 14.15 -27.43 -8.85
CA ARG A 797 12.92 -28.19 -9.02
C ARG A 797 11.80 -27.67 -8.11
N HIS A 798 12.16 -27.11 -6.95
CA HIS A 798 11.14 -26.52 -6.07
C HIS A 798 10.50 -25.30 -6.71
N LEU A 799 11.30 -24.43 -7.32
CA LEU A 799 10.72 -23.33 -8.10
C LEU A 799 9.83 -23.87 -9.22
N ALA A 800 10.24 -24.95 -9.88
CA ALA A 800 9.39 -25.52 -10.91
C ALA A 800 8.05 -26.00 -10.32
N ASP A 801 8.07 -26.50 -9.09
CA ASP A 801 6.81 -26.89 -8.45
C ASP A 801 5.89 -25.70 -8.26
N LEU A 802 6.42 -24.60 -7.73
CA LEU A 802 5.59 -23.41 -7.52
C LEU A 802 5.06 -22.87 -8.85
N THR A 803 5.87 -22.96 -9.91
CA THR A 803 5.47 -22.46 -11.22
C THR A 803 4.36 -23.33 -11.81
N ARG A 804 4.56 -24.65 -11.82
CA ARG A 804 3.50 -25.54 -12.26
C ARG A 804 2.23 -25.33 -11.44
N LEU A 805 2.37 -25.21 -10.11
CA LEU A 805 1.21 -24.99 -9.26
C LEU A 805 0.50 -23.70 -9.66
N GLY A 806 1.26 -22.65 -9.97
CA GLY A 806 0.67 -21.41 -10.42
C GLY A 806 0.00 -21.50 -11.78
N MET A 807 0.59 -22.27 -12.71
CA MET A 807 -0.02 -22.40 -14.02
C MET A 807 -1.33 -23.17 -13.97
N ALA A 808 -1.56 -23.91 -12.89
CA ALA A 808 -2.84 -24.57 -12.64
C ALA A 808 -3.72 -23.76 -11.70
N GLY A 809 -3.45 -22.46 -11.54
CA GLY A 809 -4.31 -21.59 -10.75
C GLY A 809 -4.00 -21.48 -9.28
N ASN A 810 -2.88 -22.05 -8.82
CA ASN A 810 -2.42 -21.98 -7.43
C ASN A 810 -3.51 -22.35 -6.41
N LEU A 811 -4.18 -23.47 -6.68
CA LEU A 811 -5.23 -23.99 -5.80
C LEU A 811 -4.67 -24.75 -4.60
N ALA A 812 -5.42 -24.71 -3.50
CA ALA A 812 -5.00 -25.48 -2.32
C ALA A 812 -5.14 -26.98 -2.54
N ASP A 813 -6.09 -27.40 -3.37
CA ASP A 813 -6.45 -28.80 -3.52
C ASP A 813 -5.91 -29.44 -4.79
N PHE A 814 -5.24 -28.68 -5.65
CA PHE A 814 -4.68 -29.28 -6.85
C PHE A 814 -3.59 -30.27 -6.47
N VAL A 815 -3.54 -31.39 -7.19
CA VAL A 815 -2.64 -32.50 -6.86
C VAL A 815 -1.60 -32.64 -7.99
N LEU A 816 -0.33 -32.49 -7.63
CA LEU A 816 0.75 -32.71 -8.57
C LEU A 816 1.85 -33.54 -7.93
N ILE A 817 2.80 -33.96 -8.76
CA ILE A 817 4.00 -34.67 -8.32
C ILE A 817 5.10 -33.64 -8.10
N ASP A 818 5.70 -33.63 -6.91
CA ASP A 818 6.64 -32.58 -6.58
C ASP A 818 8.08 -32.97 -6.93
N LYS A 819 9.02 -32.11 -6.53
CA LYS A 819 10.43 -32.22 -6.90
C LYS A 819 11.07 -33.55 -6.52
N ASP A 820 10.52 -34.27 -5.53
CA ASP A 820 11.06 -35.56 -5.11
C ASP A 820 10.20 -36.72 -5.60
N GLY A 821 9.27 -36.46 -6.50
CA GLY A 821 8.40 -37.50 -6.98
C GLY A 821 7.28 -37.89 -6.04
N ALA A 822 7.03 -37.09 -5.00
CA ALA A 822 5.97 -37.34 -4.03
C ALA A 822 4.67 -36.63 -4.43
N VAL A 823 3.54 -37.27 -4.08
CA VAL A 823 2.23 -36.71 -4.35
C VAL A 823 1.92 -35.60 -3.35
N LYS A 824 1.65 -34.40 -3.87
CA LYS A 824 1.40 -33.24 -3.02
C LYS A 824 0.12 -32.53 -3.47
N ARG A 825 -0.61 -32.02 -2.47
CA ARG A 825 -1.62 -31.00 -2.71
C ARG A 825 -0.93 -29.65 -2.80
N GLY A 826 -1.52 -28.74 -3.59
CA GLY A 826 -1.05 -27.37 -3.67
C GLY A 826 -0.65 -26.78 -2.33
N SER A 827 -1.54 -26.90 -1.34
CA SER A 827 -1.26 -26.35 -0.01
C SER A 827 -0.06 -27.00 0.65
N GLU A 828 0.41 -28.13 0.14
CA GLU A 828 1.57 -28.80 0.70
C GLU A 828 2.90 -28.39 0.08
N ILE A 829 2.88 -27.64 -1.01
CA ILE A 829 4.12 -27.07 -1.55
C ILE A 829 4.49 -25.86 -0.70
N ASP A 830 5.73 -25.83 -0.21
CA ASP A 830 6.10 -24.73 0.67
C ASP A 830 6.36 -23.46 -0.14
N TYR A 831 5.97 -22.32 0.44
CA TYR A 831 6.35 -21.01 -0.06
C TYR A 831 6.78 -20.19 1.15
N ASN A 832 8.09 -20.18 1.42
CA ASN A 832 8.65 -19.44 2.55
C ASN A 832 7.98 -19.80 3.87
N GLY A 833 7.49 -21.04 3.97
CA GLY A 833 6.86 -21.52 5.17
C GLY A 833 5.35 -21.60 5.08
N ALA A 834 4.73 -20.76 4.25
CA ALA A 834 3.29 -20.78 4.12
C ALA A 834 2.88 -21.88 3.15
N PRO A 835 1.64 -22.34 3.24
CA PRO A 835 1.11 -23.21 2.18
C PRO A 835 1.16 -22.50 0.84
N GLY A 836 1.82 -23.15 -0.13
CA GLY A 836 1.94 -22.55 -1.45
C GLY A 836 0.61 -22.25 -2.11
N GLY A 837 -0.16 -23.30 -2.40
CA GLY A 837 -1.47 -23.13 -3.00
C GLY A 837 -2.48 -22.74 -1.94
N TYR A 838 -3.30 -21.73 -2.24
CA TYR A 838 -4.24 -21.19 -1.27
C TYR A 838 -5.63 -20.96 -1.82
N ALA A 839 -5.82 -21.04 -3.12
CA ALA A 839 -7.10 -20.67 -3.71
C ALA A 839 -8.05 -21.86 -3.84
N ALA A 840 -9.31 -21.54 -4.05
CA ALA A 840 -10.36 -22.50 -4.35
C ALA A 840 -10.69 -22.53 -5.83
N ASP A 841 -10.58 -21.38 -6.50
CA ASP A 841 -10.75 -21.28 -7.94
C ASP A 841 -9.64 -20.43 -8.52
N PRO A 842 -9.26 -20.68 -9.77
CA PRO A 842 -8.15 -19.90 -10.35
C PRO A 842 -8.48 -18.43 -10.53
N THR A 843 -9.77 -18.07 -10.61
CA THR A 843 -10.18 -16.67 -10.65
C THR A 843 -9.87 -15.92 -9.38
N GLU A 844 -9.51 -16.61 -8.30
CA GLU A 844 -9.08 -15.99 -7.05
C GLU A 844 -7.56 -15.73 -7.03
N VAL A 845 -6.87 -15.98 -8.14
CA VAL A 845 -5.42 -15.88 -8.20
C VAL A 845 -5.06 -15.00 -9.38
N VAL A 846 -4.23 -13.99 -9.13
CA VAL A 846 -3.68 -13.15 -10.19
C VAL A 846 -2.18 -13.44 -10.27
N ASN A 847 -1.75 -14.11 -11.35
CA ASN A 847 -0.34 -14.38 -11.61
C ASN A 847 0.31 -13.23 -12.35
N TYR A 848 1.61 -13.04 -12.10
CA TYR A 848 2.37 -11.98 -12.75
C TYR A 848 3.87 -12.19 -12.50
N VAL A 849 4.68 -11.63 -13.39
CA VAL A 849 6.13 -11.67 -13.20
C VAL A 849 6.71 -10.27 -13.28
N SER A 850 5.84 -9.25 -13.35
CA SER A 850 6.27 -7.87 -13.31
C SER A 850 5.07 -7.00 -12.92
N LYS A 851 5.36 -5.91 -12.20
CA LYS A 851 4.35 -5.01 -11.66
C LYS A 851 4.98 -3.63 -11.49
N HIS A 852 4.16 -2.62 -11.19
CA HIS A 852 4.72 -1.28 -11.04
C HIS A 852 5.76 -1.24 -9.93
N ASP A 853 5.54 -1.98 -8.85
CA ASP A 853 6.48 -1.96 -7.74
C ASP A 853 7.52 -3.08 -7.88
N ASN A 854 8.72 -2.83 -7.31
CA ASN A 854 9.88 -3.72 -7.44
C ASN A 854 10.44 -3.69 -8.86
N GLN A 855 11.54 -4.41 -9.11
CA GLN A 855 12.27 -4.30 -10.37
C GLN A 855 11.47 -4.87 -11.53
N THR A 856 11.59 -4.25 -12.71
CA THR A 856 10.97 -4.82 -13.89
C THR A 856 11.55 -6.20 -14.18
N LEU A 857 10.77 -7.00 -14.92
CA LEU A 857 11.22 -8.32 -15.32
C LEU A 857 12.57 -8.26 -16.02
N TRP A 858 12.72 -7.33 -16.99
CA TRP A 858 13.96 -7.23 -17.73
C TRP A 858 15.13 -6.91 -16.81
N ASP A 859 14.91 -6.04 -15.82
CA ASP A 859 16.00 -5.69 -14.92
C ASP A 859 16.36 -6.87 -14.02
N MET A 860 15.37 -7.71 -13.68
CA MET A 860 15.68 -8.95 -12.96
C MET A 860 16.46 -9.93 -13.82
N ILE A 861 16.07 -10.10 -15.09
CA ILE A 861 16.84 -10.95 -15.99
C ILE A 861 18.26 -10.40 -16.16
N SER A 862 18.39 -9.07 -16.15
CA SER A 862 19.71 -8.47 -16.27
C SER A 862 20.56 -8.72 -15.03
N TYR A 863 19.97 -8.62 -13.84
CA TYR A 863 20.69 -8.99 -12.62
C TYR A 863 21.12 -10.46 -12.63
N LYS A 864 20.28 -11.34 -13.20
CA LYS A 864 20.38 -12.77 -12.94
C LYS A 864 20.96 -13.61 -14.08
N ALA A 865 20.92 -13.13 -15.32
CA ALA A 865 21.29 -14.00 -16.43
C ALA A 865 22.80 -14.25 -16.45
N ALA A 866 23.17 -15.48 -16.79
CA ALA A 866 24.59 -15.79 -16.94
C ALA A 866 25.22 -14.91 -18.02
N GLN A 867 26.52 -14.66 -17.86
CA GLN A 867 27.25 -13.87 -18.85
C GLN A 867 27.12 -14.43 -20.25
N GLU A 868 27.07 -15.76 -20.39
N GLU A 868 27.07 -15.76 -20.38
CA GLU A 868 27.02 -16.39 -21.70
CA GLU A 868 27.01 -16.41 -21.68
C GLU A 868 25.66 -16.24 -22.38
C GLU A 868 25.64 -16.28 -22.36
N ALA A 869 24.63 -15.80 -21.65
CA ALA A 869 23.32 -15.58 -22.27
C ALA A 869 23.38 -14.29 -23.07
N ASP A 870 23.29 -14.39 -24.40
CA ASP A 870 23.39 -13.21 -25.25
C ASP A 870 22.06 -12.46 -25.25
N LEU A 871 22.04 -11.30 -25.91
CA LEU A 871 20.84 -10.46 -25.93
C LEU A 871 19.62 -11.22 -26.44
N ASP A 872 19.78 -12.03 -27.50
CA ASP A 872 18.60 -12.73 -28.02
C ASP A 872 18.07 -13.74 -27.02
N THR A 873 18.96 -14.42 -26.29
CA THR A 873 18.53 -15.38 -25.28
C THR A 873 17.78 -14.68 -24.14
N ARG A 874 18.23 -13.47 -23.74
CA ARG A 874 17.55 -12.71 -22.69
C ARG A 874 16.16 -12.28 -23.12
N VAL A 875 15.98 -11.91 -24.40
CA VAL A 875 14.64 -11.62 -24.90
C VAL A 875 13.78 -12.86 -24.78
N ARG A 876 14.33 -14.04 -25.10
CA ARG A 876 13.55 -15.25 -24.96
C ARG A 876 13.32 -15.60 -23.49
N MET A 877 14.22 -15.21 -22.60
CA MET A 877 13.96 -15.43 -21.17
C MET A 877 12.78 -14.59 -20.70
N GLN A 878 12.69 -13.36 -21.20
CA GLN A 878 11.53 -12.52 -20.89
C GLN A 878 10.24 -13.18 -21.36
N ALA A 879 10.21 -13.62 -22.63
CA ALA A 879 9.02 -14.27 -23.16
C ALA A 879 8.69 -15.56 -22.40
N VAL A 880 9.71 -16.37 -22.11
CA VAL A 880 9.49 -17.59 -21.34
C VAL A 880 8.90 -17.28 -19.98
N SER A 881 9.43 -16.27 -19.30
CA SER A 881 8.88 -15.85 -18.01
C SER A 881 7.42 -15.47 -18.13
N LEU A 882 7.10 -14.62 -19.10
CA LEU A 882 5.71 -14.20 -19.31
C LEU A 882 4.82 -15.36 -19.76
N ALA A 883 5.39 -16.37 -20.43
CA ALA A 883 4.58 -17.49 -20.87
C ALA A 883 3.97 -18.24 -19.70
N THR A 884 4.69 -18.32 -18.57
CA THR A 884 4.13 -19.04 -17.43
C THR A 884 2.87 -18.35 -16.90
N VAL A 885 2.82 -17.02 -17.02
CA VAL A 885 1.63 -16.26 -16.64
C VAL A 885 0.56 -16.40 -17.72
N MET A 886 0.93 -16.06 -18.96
CA MET A 886 -0.05 -15.93 -20.03
C MET A 886 -0.73 -17.25 -20.38
N LEU A 887 -0.03 -18.40 -20.22
CA LEU A 887 -0.60 -19.69 -20.56
C LEU A 887 -1.13 -20.41 -19.33
N GLY A 888 -1.25 -19.71 -18.20
CA GLY A 888 -1.71 -20.31 -16.97
C GLY A 888 -3.19 -20.05 -16.73
N GLN A 889 -3.73 -20.82 -15.77
CA GLN A 889 -5.14 -20.77 -15.40
C GLN A 889 -5.48 -19.59 -14.51
N GLY A 890 -4.50 -19.06 -13.79
CA GLY A 890 -4.75 -17.84 -13.04
C GLY A 890 -5.04 -16.68 -13.97
N ILE A 891 -5.77 -15.68 -13.45
CA ILE A 891 -5.90 -14.43 -14.17
C ILE A 891 -4.50 -13.89 -14.46
N ALA A 892 -4.30 -13.42 -15.69
CA ALA A 892 -2.99 -12.95 -16.15
C ALA A 892 -2.85 -11.44 -15.94
N PHE A 893 -1.75 -11.02 -15.32
CA PHE A 893 -1.49 -9.62 -14.99
C PHE A 893 -0.07 -9.27 -15.40
N ASP A 894 0.12 -8.09 -15.99
CA ASP A 894 1.46 -7.70 -16.39
C ASP A 894 1.62 -6.19 -16.34
N GLN A 895 2.87 -5.78 -16.13
CA GLN A 895 3.25 -4.37 -16.13
C GLN A 895 3.25 -3.83 -17.56
N GLN A 896 2.66 -2.65 -17.74
CA GLN A 896 2.79 -1.88 -18.98
C GLN A 896 4.23 -1.87 -19.45
N GLY A 897 4.48 -2.38 -20.66
CA GLY A 897 5.80 -2.33 -21.25
C GLY A 897 6.65 -3.58 -21.13
N SER A 898 6.19 -4.63 -20.45
CA SER A 898 6.95 -5.89 -20.52
C SER A 898 7.12 -6.33 -21.96
N GLU A 899 6.15 -6.03 -22.83
CA GLU A 899 6.25 -6.40 -24.23
C GLU A 899 7.33 -5.61 -24.94
N LEU A 900 7.83 -4.54 -24.32
CA LEU A 900 8.92 -3.74 -24.85
C LEU A 900 10.17 -3.86 -23.99
N LEU A 901 10.31 -4.98 -23.27
CA LEU A 901 11.52 -5.25 -22.45
C LEU A 901 11.76 -4.14 -21.42
N ARG A 902 10.68 -3.56 -20.88
CA ARG A 902 10.77 -2.33 -20.11
C ARG A 902 11.84 -2.42 -19.03
N SER A 903 12.67 -1.37 -18.96
CA SER A 903 13.67 -1.21 -17.93
C SER A 903 13.43 0.10 -17.20
N LYS A 904 13.79 0.13 -15.91
CA LYS A 904 13.87 1.36 -15.12
C LYS A 904 15.30 1.63 -14.66
N SER A 905 16.29 1.13 -15.39
CA SER A 905 17.71 1.34 -15.10
C SER A 905 18.06 0.77 -13.73
N PHE A 906 17.45 -0.37 -13.39
CA PHE A 906 17.57 -1.10 -12.13
C PHE A 906 16.85 -0.44 -10.95
N THR A 907 16.07 0.63 -11.17
CA THR A 907 15.31 1.22 -10.06
C THR A 907 14.35 0.21 -9.47
N ARG A 908 14.44 0.00 -8.15
CA ARG A 908 13.54 -0.96 -7.52
C ARG A 908 12.18 -0.35 -7.22
N ASP A 909 12.14 0.91 -6.76
CA ASP A 909 10.93 1.55 -6.24
C ASP A 909 10.83 2.93 -6.90
N SER A 910 10.15 2.98 -8.04
CA SER A 910 10.20 4.14 -8.92
C SER A 910 9.03 5.09 -8.72
N TYR A 911 8.35 5.05 -7.56
CA TYR A 911 7.12 5.80 -7.37
C TYR A 911 7.32 7.30 -7.58
N ASP A 912 8.52 7.79 -7.34
CA ASP A 912 8.79 9.22 -7.43
C ASP A 912 10.03 9.46 -8.28
N SER A 913 10.34 8.53 -9.18
CA SER A 913 11.52 8.63 -10.03
C SER A 913 11.26 9.33 -11.36
N GLY A 914 10.08 9.94 -11.54
CA GLY A 914 9.83 10.82 -12.67
C GLY A 914 9.75 10.15 -14.03
N ASP A 915 9.64 11.01 -15.04
CA ASP A 915 9.58 10.54 -16.42
C ASP A 915 10.85 9.81 -16.84
N TRP A 916 11.99 10.17 -16.25
CA TRP A 916 13.27 9.68 -16.76
C TRP A 916 13.44 8.19 -16.55
N PHE A 917 13.22 7.73 -15.31
CA PHE A 917 13.39 6.31 -15.04
C PHE A 917 12.17 5.47 -15.36
N ASN A 918 10.99 6.08 -15.49
CA ASN A 918 9.77 5.34 -15.77
C ASN A 918 9.40 5.36 -17.24
N ARG A 919 10.26 5.95 -18.07
CA ARG A 919 10.07 6.09 -19.51
C ARG A 919 9.68 4.78 -20.20
N VAL A 920 8.66 4.85 -21.05
CA VAL A 920 8.31 3.78 -21.98
C VAL A 920 8.30 4.41 -23.37
N ASP A 921 9.15 3.88 -24.27
CA ASP A 921 9.38 4.47 -25.59
C ASP A 921 8.55 3.77 -26.66
N TYR A 922 7.40 4.33 -26.99
CA TYR A 922 6.57 3.73 -28.03
C TYR A 922 7.08 4.04 -29.44
N SER A 923 8.19 4.76 -29.59
CA SER A 923 8.88 4.85 -30.87
C SER A 923 9.87 3.70 -31.05
N LEU A 924 10.02 2.84 -30.01
CA LEU A 924 10.73 1.57 -30.08
C LEU A 924 12.23 1.75 -30.35
N GLN A 925 12.82 2.84 -29.87
CA GLN A 925 14.26 3.03 -30.00
C GLN A 925 15.04 2.23 -28.97
N ASP A 926 14.53 2.11 -27.74
CA ASP A 926 15.22 1.34 -26.70
C ASP A 926 14.23 1.04 -25.56
N ASN A 927 14.70 0.29 -24.57
CA ASN A 927 13.84 -0.16 -23.48
C ASN A 927 14.07 0.62 -22.18
N ASN A 928 14.69 1.80 -22.27
CA ASN A 928 15.06 2.64 -21.13
C ASN A 928 16.09 1.99 -20.22
N TYR A 929 16.78 0.96 -20.69
CA TYR A 929 17.87 0.36 -19.93
C TYR A 929 19.11 1.24 -20.03
N ASN A 930 19.92 1.23 -18.97
CA ASN A 930 21.20 1.92 -18.91
C ASN A 930 21.04 3.42 -19.23
N VAL A 931 20.20 4.08 -18.42
CA VAL A 931 20.01 5.51 -18.52
C VAL A 931 20.50 6.23 -17.27
N GLY A 932 21.31 5.56 -16.45
CA GLY A 932 21.87 6.14 -15.26
C GLY A 932 21.71 5.23 -14.07
N MET A 933 22.55 5.38 -13.06
CA MET A 933 22.39 4.59 -11.86
C MET A 933 21.08 4.98 -11.17
N PRO A 934 20.36 4.01 -10.55
CA PRO A 934 19.07 4.35 -9.92
C PRO A 934 19.25 5.15 -8.64
N ARG A 935 18.15 5.59 -8.02
CA ARG A 935 18.23 6.44 -6.84
C ARG A 935 19.04 5.76 -5.73
N SER A 936 20.02 6.47 -5.19
CA SER A 936 20.96 5.83 -4.26
C SER A 936 20.32 5.57 -2.91
N SER A 937 19.32 6.37 -2.52
CA SER A 937 18.68 6.19 -1.22
C SER A 937 17.96 4.85 -1.11
N ASP A 938 17.51 4.28 -2.22
CA ASP A 938 16.87 2.98 -2.18
C ASP A 938 17.67 1.88 -2.87
N ASP A 939 18.52 2.20 -3.84
CA ASP A 939 19.31 1.19 -4.54
C ASP A 939 20.80 1.37 -4.39
N GLY A 940 21.25 2.28 -3.51
CA GLY A 940 22.68 2.50 -3.36
C GLY A 940 23.44 1.23 -2.97
N SER A 941 22.82 0.38 -2.15
CA SER A 941 23.47 -0.86 -1.76
C SER A 941 23.50 -1.88 -2.89
N ASN A 942 23.03 -1.51 -4.08
CA ASN A 942 23.05 -2.37 -5.25
C ASN A 942 23.97 -1.84 -6.33
N TYR A 943 24.62 -0.71 -6.08
CA TYR A 943 25.51 -0.13 -7.08
C TYR A 943 26.60 -1.12 -7.49
N ASP A 944 27.15 -1.87 -6.53
CA ASP A 944 28.25 -2.76 -6.86
C ASP A 944 27.79 -3.87 -7.81
N ILE A 945 26.69 -4.53 -7.48
CA ILE A 945 26.25 -5.62 -8.34
C ILE A 945 25.73 -5.05 -9.65
N ILE A 946 25.09 -3.88 -9.62
CA ILE A 946 24.63 -3.23 -10.86
C ILE A 946 25.80 -3.00 -11.81
N ALA A 947 26.89 -2.43 -11.30
CA ALA A 947 28.02 -2.13 -12.17
C ALA A 947 28.66 -3.39 -12.74
N ARG A 948 28.62 -4.48 -11.97
CA ARG A 948 29.19 -5.74 -12.45
C ARG A 948 28.35 -6.36 -13.57
N VAL A 949 27.01 -6.27 -13.49
CA VAL A 949 26.16 -6.96 -14.47
C VAL A 949 25.70 -6.07 -15.62
N LYS A 950 25.80 -4.75 -15.49
CA LYS A 950 25.00 -3.87 -16.35
C LYS A 950 25.34 -4.03 -17.83
N ASP A 951 26.63 -4.11 -18.18
CA ASP A 951 27.03 -4.03 -19.57
C ASP A 951 27.33 -5.42 -20.19
N ALA A 952 26.75 -6.49 -19.64
CA ALA A 952 27.03 -7.83 -20.18
C ALA A 952 26.70 -7.93 -21.66
N VAL A 953 25.55 -7.40 -22.10
CA VAL A 953 25.19 -7.42 -23.52
C VAL A 953 24.73 -6.03 -23.93
N ALA A 954 24.50 -5.88 -25.24
CA ALA A 954 24.01 -4.61 -25.76
C ALA A 954 22.61 -4.29 -25.21
N THR A 955 22.27 -3.00 -25.22
CA THR A 955 20.94 -2.55 -24.81
C THR A 955 19.94 -2.86 -25.91
N PRO A 956 18.76 -3.40 -25.58
CA PRO A 956 17.76 -3.65 -26.62
C PRO A 956 17.48 -2.42 -27.48
N GLY A 957 17.39 -2.64 -28.78
CA GLY A 957 16.99 -1.63 -29.73
C GLY A 957 15.76 -2.07 -30.49
N GLU A 958 15.45 -1.41 -31.60
CA GLU A 958 14.16 -1.59 -32.25
C GLU A 958 13.94 -3.03 -32.70
N THR A 959 15.00 -3.74 -33.10
CA THR A 959 14.80 -5.13 -33.53
C THR A 959 14.31 -5.98 -32.38
N GLU A 960 14.92 -5.83 -31.21
CA GLU A 960 14.53 -6.62 -30.06
C GLU A 960 13.12 -6.24 -29.57
N LEU A 961 12.81 -4.93 -29.58
CA LEU A 961 11.51 -4.48 -29.13
C LEU A 961 10.40 -5.07 -29.98
N LYS A 962 10.58 -5.02 -31.31
CA LYS A 962 9.57 -5.61 -32.20
C LYS A 962 9.47 -7.11 -31.96
N GLN A 963 10.60 -7.77 -31.76
CA GLN A 963 10.57 -9.22 -31.58
C GLN A 963 9.85 -9.59 -30.30
N MET A 964 10.10 -8.83 -29.22
CA MET A 964 9.43 -9.10 -27.95
C MET A 964 7.93 -8.83 -28.06
N THR A 965 7.55 -7.77 -28.77
CA THR A 965 6.12 -7.49 -28.92
C THR A 965 5.43 -8.60 -29.69
N ALA A 966 6.03 -9.07 -30.78
CA ALA A 966 5.49 -10.24 -31.47
C ALA A 966 5.38 -11.43 -30.53
N PHE A 967 6.46 -11.73 -29.81
CA PHE A 967 6.41 -12.79 -28.80
C PHE A 967 5.23 -12.60 -27.86
N TYR A 968 5.07 -11.37 -27.37
CA TYR A 968 4.05 -11.05 -26.38
C TYR A 968 2.66 -11.29 -26.95
N GLN A 969 2.40 -10.75 -28.14
CA GLN A 969 1.08 -10.92 -28.77
C GLN A 969 0.83 -12.37 -29.15
N GLU A 970 1.89 -13.10 -29.51
CA GLU A 970 1.76 -14.54 -29.72
C GLU A 970 1.22 -15.22 -28.46
N LEU A 971 1.81 -14.89 -27.30
CA LEU A 971 1.36 -15.47 -26.02
C LEU A 971 -0.09 -15.10 -25.70
N THR A 972 -0.44 -13.81 -25.84
CA THR A 972 -1.81 -13.41 -25.52
C THR A 972 -2.80 -14.00 -26.52
N ALA A 973 -2.44 -14.06 -27.81
CA ALA A 973 -3.34 -14.73 -28.76
C ALA A 973 -3.54 -16.19 -28.39
N LEU A 974 -2.48 -16.85 -27.91
CA LEU A 974 -2.58 -18.24 -27.50
C LEU A 974 -3.51 -18.40 -26.31
N ARG A 975 -3.43 -17.48 -25.34
CA ARG A 975 -4.23 -17.57 -24.12
C ARG A 975 -5.73 -17.60 -24.44
N LYS A 976 -6.16 -16.77 -25.38
CA LYS A 976 -7.57 -16.68 -25.74
C LYS A 976 -7.95 -17.60 -26.90
N SER A 977 -7.01 -18.38 -27.43
CA SER A 977 -7.32 -19.23 -28.57
C SER A 977 -8.17 -20.42 -28.17
N SER A 978 -8.24 -20.76 -26.89
CA SER A 978 -9.05 -21.90 -26.53
C SER A 978 -9.65 -21.69 -25.15
N PRO A 979 -10.89 -22.12 -24.94
CA PRO A 979 -11.45 -22.09 -23.58
C PRO A 979 -10.67 -22.94 -22.61
N LEU A 980 -9.85 -23.90 -23.09
CA LEU A 980 -9.11 -24.77 -22.18
C LEU A 980 -8.14 -23.99 -21.30
N PHE A 981 -7.59 -22.88 -21.82
CA PHE A 981 -6.62 -22.12 -21.04
C PHE A 981 -7.24 -21.41 -19.85
N THR A 982 -8.56 -21.15 -19.90
CA THR A 982 -9.22 -20.25 -18.94
C THR A 982 -10.51 -20.90 -18.40
N LEU A 983 -10.33 -22.01 -17.67
CA LEU A 983 -11.46 -22.85 -17.23
C LEU A 983 -12.27 -22.21 -16.11
N GLY A 984 -11.68 -21.29 -15.35
CA GLY A 984 -12.42 -20.55 -14.33
C GLY A 984 -12.71 -21.27 -13.04
N ASP A 985 -13.20 -22.51 -13.12
CA ASP A 985 -13.68 -23.24 -11.96
C ASP A 985 -12.61 -24.22 -11.46
N GLY A 986 -12.32 -24.16 -10.17
CA GLY A 986 -11.19 -24.91 -9.63
C GLY A 986 -11.38 -26.42 -9.72
N ALA A 987 -12.56 -26.91 -9.35
CA ALA A 987 -12.82 -28.34 -9.52
C ALA A 987 -12.64 -28.76 -10.96
N THR A 988 -13.04 -27.90 -11.91
CA THR A 988 -12.81 -28.18 -13.33
C THR A 988 -11.32 -28.20 -13.67
N VAL A 989 -10.53 -27.30 -13.08
CA VAL A 989 -9.08 -27.37 -13.24
C VAL A 989 -8.58 -28.73 -12.76
N MET A 990 -8.99 -29.13 -11.55
CA MET A 990 -8.51 -30.39 -11.00
C MET A 990 -8.84 -31.57 -11.89
N LYS A 991 -9.95 -31.49 -12.62
CA LYS A 991 -10.35 -32.59 -13.48
C LYS A 991 -9.66 -32.58 -14.84
N ARG A 992 -9.00 -31.49 -15.23
CA ARG A 992 -8.53 -31.39 -16.61
C ARG A 992 -7.07 -31.01 -16.79
N VAL A 993 -6.39 -30.52 -15.76
CA VAL A 993 -5.03 -29.98 -15.89
C VAL A 993 -4.07 -30.95 -15.21
N ASP A 994 -3.02 -31.34 -15.94
CA ASP A 994 -1.97 -32.20 -15.43
C ASP A 994 -0.63 -31.77 -15.99
N PHE A 995 0.43 -32.44 -15.52
CA PHE A 995 1.79 -32.12 -15.92
C PHE A 995 2.59 -33.38 -16.19
N ARG A 996 3.48 -33.31 -17.17
CA ARG A 996 4.52 -34.30 -17.39
C ARG A 996 5.89 -33.72 -17.00
N ASN A 997 6.93 -34.55 -17.11
CA ASN A 997 8.30 -34.17 -16.74
C ASN A 997 8.35 -33.67 -15.30
N THR A 998 7.87 -34.51 -14.40
CA THR A 998 7.82 -34.23 -12.98
C THR A 998 8.70 -35.22 -12.21
N GLY A 999 8.97 -34.92 -10.96
CA GLY A 999 9.72 -35.82 -10.12
C GLY A 999 11.21 -35.54 -10.11
N ALA A 1000 11.93 -36.40 -9.40
CA ALA A 1000 13.32 -36.12 -9.06
C ALA A 1000 14.22 -36.12 -10.28
N ASP A 1001 13.87 -36.89 -11.31
CA ASP A 1001 14.66 -36.98 -12.54
C ASP A 1001 14.03 -36.21 -13.68
N GLN A 1002 13.22 -35.21 -13.40
CA GLN A 1002 12.70 -34.35 -14.45
C GLN A 1002 13.85 -33.65 -15.16
N GLN A 1003 13.65 -33.39 -16.46
CA GLN A 1003 14.55 -32.49 -17.17
C GLN A 1003 14.36 -31.06 -16.63
N THR A 1004 15.38 -30.52 -15.99
CA THR A 1004 15.20 -29.27 -15.24
C THR A 1004 14.81 -28.12 -16.15
N GLY A 1005 13.84 -27.32 -15.71
CA GLY A 1005 13.41 -26.16 -16.47
C GLY A 1005 12.41 -26.44 -17.57
N LEU A 1006 12.07 -27.70 -17.84
CA LEU A 1006 11.10 -28.02 -18.88
C LEU A 1006 9.72 -28.16 -18.24
N LEU A 1007 8.82 -27.22 -18.53
CA LEU A 1007 7.47 -27.23 -18.00
C LEU A 1007 6.54 -27.81 -19.06
N VAL A 1008 5.86 -28.91 -18.72
CA VAL A 1008 4.96 -29.58 -19.68
C VAL A 1008 3.61 -29.74 -18.99
N MET A 1009 2.63 -28.96 -19.44
CA MET A 1009 1.28 -28.98 -18.89
C MET A 1009 0.33 -29.55 -19.92
N THR A 1010 -0.61 -30.39 -19.48
CA THR A 1010 -1.65 -30.90 -20.36
C THR A 1010 -3.01 -30.44 -19.88
N ILE A 1011 -3.87 -30.10 -20.83
CA ILE A 1011 -5.24 -29.68 -20.53
C ILE A 1011 -6.18 -30.64 -21.25
N ASP A 1012 -6.91 -31.43 -20.48
CA ASP A 1012 -7.76 -32.50 -21.01
C ASP A 1012 -9.06 -31.92 -21.55
N ASP A 1013 -9.35 -32.18 -22.83
CA ASP A 1013 -10.70 -32.03 -23.36
C ASP A 1013 -11.24 -33.36 -23.89
N GLY A 1014 -11.05 -34.43 -23.11
CA GLY A 1014 -11.56 -35.75 -23.45
C GLY A 1014 -12.56 -36.25 -22.42
N MET A 1015 -13.04 -37.47 -22.68
CA MET A 1015 -14.25 -37.95 -22.00
C MET A 1015 -14.05 -38.05 -20.49
N GLN A 1016 -12.88 -38.49 -20.02
CA GLN A 1016 -12.69 -38.60 -18.58
C GLN A 1016 -12.89 -37.27 -17.87
N ALA A 1017 -12.69 -36.15 -18.57
CA ALA A 1017 -12.84 -34.84 -17.94
C ALA A 1017 -14.32 -34.45 -17.81
N GLY A 1018 -15.06 -34.52 -18.91
CA GLY A 1018 -16.44 -34.09 -18.99
C GLY A 1018 -16.83 -33.74 -20.41
N ALA A 1019 -17.56 -32.63 -20.60
CA ALA A 1019 -17.92 -32.22 -21.95
C ALA A 1019 -16.71 -31.63 -22.69
N SER A 1020 -16.82 -31.60 -24.01
CA SER A 1020 -15.78 -30.98 -24.85
C SER A 1020 -15.97 -29.48 -24.89
N LEU A 1021 -15.31 -28.78 -23.96
CA LEU A 1021 -15.36 -27.32 -23.93
C LEU A 1021 -14.77 -26.68 -25.18
N ASP A 1022 -14.02 -27.44 -25.97
CA ASP A 1022 -13.40 -26.94 -27.19
C ASP A 1022 -13.74 -27.89 -28.32
N SER A 1023 -14.40 -27.37 -29.35
CA SER A 1023 -14.79 -28.21 -30.47
C SER A 1023 -13.61 -28.59 -31.34
N ARG A 1024 -12.53 -27.81 -31.34
CA ARG A 1024 -11.48 -28.00 -32.32
C ARG A 1024 -10.40 -28.98 -31.86
N VAL A 1025 -10.32 -29.27 -30.57
CA VAL A 1025 -9.22 -30.04 -30.03
C VAL A 1025 -9.75 -30.94 -28.93
N ASP A 1026 -9.10 -32.09 -28.73
CA ASP A 1026 -9.39 -32.99 -27.62
C ASP A 1026 -8.42 -32.79 -26.46
N GLY A 1027 -7.41 -31.95 -26.63
CA GLY A 1027 -6.45 -31.69 -25.58
C GLY A 1027 -5.44 -30.66 -26.08
N ILE A 1028 -4.77 -30.04 -25.13
CA ILE A 1028 -3.73 -29.08 -25.43
C ILE A 1028 -2.49 -29.45 -24.61
N VAL A 1029 -1.32 -29.27 -25.21
CA VAL A 1029 -0.06 -29.41 -24.50
C VAL A 1029 0.63 -28.06 -24.51
N VAL A 1030 1.03 -27.59 -23.33
CA VAL A 1030 1.87 -26.41 -23.19
C VAL A 1030 3.23 -26.88 -22.73
N ALA A 1031 4.28 -26.51 -23.48
CA ALA A 1031 5.64 -26.90 -23.17
C ALA A 1031 6.49 -25.64 -23.13
N ILE A 1032 6.99 -25.30 -21.95
CA ILE A 1032 7.87 -24.15 -21.78
C ILE A 1032 9.24 -24.74 -21.48
N ASN A 1033 10.17 -24.60 -22.42
CA ASN A 1033 11.51 -25.15 -22.23
C ASN A 1033 12.43 -24.00 -21.83
N ALA A 1034 12.41 -23.69 -20.53
CA ALA A 1034 13.28 -22.67 -19.94
C ALA A 1034 14.67 -23.25 -19.66
N ALA A 1035 15.41 -23.50 -20.75
CA ALA A 1035 16.67 -24.23 -20.63
C ALA A 1035 17.52 -24.00 -21.88
N PRO A 1036 18.85 -24.11 -21.77
CA PRO A 1036 19.71 -23.95 -22.96
C PRO A 1036 19.85 -25.19 -23.83
N GLU A 1037 19.33 -26.35 -23.41
CA GLU A 1037 19.39 -27.55 -24.21
C GLU A 1037 18.08 -27.74 -24.97
N SER A 1038 18.19 -28.22 -26.21
CA SER A 1038 17.01 -28.73 -26.87
C SER A 1038 16.57 -30.02 -26.17
N ARG A 1039 15.27 -30.25 -26.16
CA ARG A 1039 14.69 -31.36 -25.42
C ARG A 1039 13.67 -32.08 -26.30
N THR A 1040 13.45 -33.36 -26.02
CA THR A 1040 12.53 -34.18 -26.77
C THR A 1040 11.48 -34.76 -25.84
N LEU A 1041 10.21 -34.65 -26.23
CA LEU A 1041 9.12 -35.22 -25.45
C LEU A 1041 8.68 -36.51 -26.14
N GLN A 1042 8.59 -37.59 -25.36
CA GLN A 1042 8.03 -38.84 -25.85
C GLN A 1042 6.71 -39.17 -25.18
N ASP A 1043 6.22 -38.30 -24.29
CA ASP A 1043 4.98 -38.57 -23.57
C ASP A 1043 3.78 -38.68 -24.50
N PHE A 1044 3.88 -38.13 -25.71
CA PHE A 1044 2.75 -38.07 -26.62
C PHE A 1044 2.99 -38.89 -27.88
N ALA A 1045 3.96 -39.80 -27.85
CA ALA A 1045 4.21 -40.66 -29.00
C ALA A 1045 2.93 -41.41 -29.37
N GLY A 1046 2.61 -41.38 -30.66
CA GLY A 1046 1.46 -42.09 -31.19
C GLY A 1046 0.15 -41.32 -31.22
N THR A 1047 0.11 -40.07 -30.75
CA THR A 1047 -1.17 -39.36 -30.55
C THR A 1047 -1.55 -38.38 -31.65
N SER A 1048 -0.76 -38.24 -32.71
CA SER A 1048 -1.06 -37.25 -33.76
C SER A 1048 -1.15 -35.82 -33.19
N LEU A 1049 -0.35 -35.53 -32.17
CA LEU A 1049 -0.20 -34.17 -31.67
C LEU A 1049 0.29 -33.26 -32.77
N GLN A 1050 -0.13 -31.99 -32.73
CA GLN A 1050 0.33 -31.03 -33.73
C GLN A 1050 0.42 -29.63 -33.14
N LEU A 1051 1.29 -28.82 -33.76
CA LEU A 1051 1.55 -27.47 -33.30
C LEU A 1051 0.37 -26.54 -33.59
N SER A 1052 0.07 -25.65 -32.64
CA SER A 1052 -1.04 -24.71 -32.82
C SER A 1052 -0.84 -23.85 -34.06
N ALA A 1053 -1.94 -23.53 -34.73
CA ALA A 1053 -1.87 -22.79 -35.98
C ALA A 1053 -1.29 -21.39 -35.77
N ILE A 1054 -1.58 -20.77 -34.63
CA ILE A 1054 -1.01 -19.46 -34.30
C ILE A 1054 0.51 -19.51 -34.43
N GLN A 1055 1.13 -20.50 -33.80
CA GLN A 1055 2.59 -20.53 -33.80
C GLN A 1055 3.13 -20.88 -35.17
N GLN A 1056 2.47 -21.80 -35.89
CA GLN A 1056 2.90 -22.08 -37.26
C GLN A 1056 2.85 -20.83 -38.12
N ALA A 1057 1.82 -20.00 -37.94
CA ALA A 1057 1.69 -18.81 -38.77
C ALA A 1057 2.76 -17.77 -38.46
N ALA A 1058 3.26 -17.74 -37.22
CA ALA A 1058 4.32 -16.79 -36.90
C ALA A 1058 5.66 -17.20 -37.50
N GLY A 1059 5.84 -18.48 -37.85
CA GLY A 1059 7.03 -18.91 -38.58
C GLY A 1059 8.31 -18.63 -37.81
N ASP A 1060 9.30 -18.05 -38.52
CA ASP A 1060 10.59 -17.76 -37.90
C ASP A 1060 10.46 -16.86 -36.67
N ARG A 1061 9.35 -16.13 -36.55
CA ARG A 1061 9.16 -15.14 -35.49
C ARG A 1061 8.53 -15.72 -34.24
N SER A 1062 8.20 -17.01 -34.26
CA SER A 1062 7.44 -17.64 -33.18
C SER A 1062 8.36 -18.08 -32.05
N LEU A 1063 7.81 -18.05 -30.82
CA LEU A 1063 8.47 -18.67 -29.69
C LEU A 1063 8.74 -20.15 -29.92
N ALA A 1064 8.01 -20.77 -30.86
CA ALA A 1064 8.18 -22.18 -31.18
C ALA A 1064 8.90 -22.38 -32.52
N SER A 1065 9.63 -21.38 -33.00
CA SER A 1065 10.39 -21.55 -34.23
C SER A 1065 11.38 -22.69 -34.05
N GLY A 1066 11.34 -23.65 -34.97
CA GLY A 1066 12.23 -24.79 -34.93
C GLY A 1066 11.68 -26.00 -34.22
N VAL A 1067 10.54 -25.89 -33.54
CA VAL A 1067 9.92 -27.08 -32.97
C VAL A 1067 9.72 -28.12 -34.06
N GLN A 1068 9.93 -29.40 -33.72
CA GLN A 1068 9.73 -30.51 -34.65
C GLN A 1068 8.73 -31.47 -34.04
N VAL A 1069 7.65 -31.74 -34.76
CA VAL A 1069 6.76 -32.83 -34.43
C VAL A 1069 7.06 -33.95 -35.43
N ALA A 1070 7.66 -35.02 -34.94
CA ALA A 1070 7.97 -36.18 -35.78
C ALA A 1070 6.72 -36.97 -36.10
N ALA A 1071 6.86 -37.90 -37.05
CA ALA A 1071 5.72 -38.71 -37.48
C ALA A 1071 5.16 -39.52 -36.32
N ASP A 1072 6.03 -40.08 -35.48
CA ASP A 1072 5.62 -40.89 -34.33
C ASP A 1072 5.06 -40.07 -33.17
N GLY A 1073 4.96 -38.74 -33.30
CA GLY A 1073 4.41 -37.93 -32.23
C GLY A 1073 5.39 -37.45 -31.17
N SER A 1074 6.68 -37.72 -31.33
CA SER A 1074 7.68 -37.16 -30.44
C SER A 1074 7.95 -35.71 -30.83
N VAL A 1075 8.22 -34.86 -29.84
CA VAL A 1075 8.33 -33.43 -30.05
C VAL A 1075 9.71 -32.96 -29.60
N THR A 1076 10.43 -32.29 -30.50
CA THR A 1076 11.73 -31.71 -30.20
C THR A 1076 11.57 -30.22 -30.00
N LEU A 1077 11.98 -29.74 -28.82
CA LEU A 1077 11.79 -28.34 -28.45
C LEU A 1077 13.13 -27.63 -28.46
N PRO A 1078 13.25 -26.50 -29.14
CA PRO A 1078 14.51 -25.74 -29.07
C PRO A 1078 14.76 -25.25 -27.66
N ALA A 1079 16.01 -24.81 -27.44
CA ALA A 1079 16.31 -24.11 -26.21
C ALA A 1079 15.44 -22.85 -26.11
N TRP A 1080 15.10 -22.47 -24.87
CA TRP A 1080 14.38 -21.23 -24.57
C TRP A 1080 13.18 -21.05 -25.49
N SER A 1081 12.32 -22.07 -25.56
CA SER A 1081 11.16 -22.04 -26.44
C SER A 1081 9.86 -22.27 -25.66
N VAL A 1082 8.76 -21.87 -26.30
CA VAL A 1082 7.41 -22.11 -25.83
C VAL A 1082 6.62 -22.70 -26.99
N ALA A 1083 6.06 -23.88 -26.78
CA ALA A 1083 5.26 -24.53 -27.81
C ALA A 1083 3.90 -24.88 -27.25
N VAL A 1084 2.87 -24.61 -28.04
CA VAL A 1084 1.51 -24.99 -27.72
C VAL A 1084 1.08 -26.01 -28.77
N LEU A 1085 0.80 -27.23 -28.32
CA LEU A 1085 0.38 -28.32 -29.19
C LEU A 1085 -1.07 -28.69 -28.88
N GLU A 1086 -1.71 -29.39 -29.83
CA GLU A 1086 -3.12 -29.75 -29.72
C GLU A 1086 -3.40 -31.14 -30.31
N LEU A 1087 -4.32 -31.87 -29.67
CA LEU A 1087 -4.89 -33.07 -30.26
C LEU A 1087 -6.12 -32.68 -31.07
N PRO A 1088 -6.05 -32.71 -32.41
CA PRO A 1088 -7.20 -32.27 -33.22
C PRO A 1088 -8.41 -33.15 -32.98
N GLN A 1089 -9.59 -32.54 -33.07
CA GLN A 1089 -10.84 -33.25 -32.80
C GLN A 1089 -11.41 -33.86 -34.07
N GLY A 1090 -11.90 -35.10 -33.93
CA GLY A 1090 -12.74 -35.74 -34.93
C GLY A 1090 -14.18 -35.76 -34.44
N GLU A 1091 -15.09 -36.17 -35.32
CA GLU A 1091 -16.51 -35.92 -35.01
C GLU A 1091 -17.01 -36.74 -33.82
N SER A 1092 -16.29 -36.65 -32.70
CA SER A 1092 -16.73 -37.13 -31.39
C SER A 1092 -15.66 -36.78 -30.35
N GLN A 1093 -16.08 -36.32 -29.17
CA GLN A 1093 -15.13 -36.08 -28.08
C GLN A 1093 -14.26 -37.32 -27.85
N GLY A 1094 -12.96 -37.21 -28.16
CA GLY A 1094 -12.04 -38.33 -28.09
C GLY A 1094 -11.51 -38.59 -26.70
N ALA A 1095 -10.47 -39.42 -26.65
CA ALA A 1095 -9.86 -39.77 -25.38
C ALA A 1095 -9.06 -38.61 -24.81
N GLY A 1096 -8.46 -37.79 -25.66
CA GLY A 1096 -7.76 -36.59 -25.19
C GLY A 1096 -6.57 -36.91 -24.30
N LEU A 1097 -6.44 -36.16 -23.20
CA LEU A 1097 -5.30 -36.25 -22.29
C LEU A 1097 -5.79 -36.44 -20.87
N PRO A 1098 -6.31 -37.62 -20.54
CA PRO A 1098 -6.92 -37.83 -19.22
C PRO A 1098 -5.95 -37.53 -18.09
N VAL A 1099 -6.41 -36.72 -17.14
CA VAL A 1099 -5.67 -36.52 -15.89
C VAL A 1099 -5.51 -37.84 -15.16
N SER A 1100 -4.33 -38.07 -14.62
CA SER A 1100 -4.05 -39.27 -13.83
C SER A 1100 -4.49 -39.03 -12.39
N SER A 1101 -5.16 -40.02 -11.81
CA SER A 1101 -5.51 -39.94 -10.40
C SER A 1101 -4.32 -40.41 -9.57
N LYS A 1102 -3.82 -39.54 -8.71
CA LYS A 1102 -2.54 -39.78 -8.05
C LYS A 1102 -2.71 -40.13 -6.59
#